data_6ZL0
#
_entry.id   6ZL0
#
_cell.length_a   1.00
_cell.length_b   1.00
_cell.length_c   1.00
_cell.angle_alpha   90.00
_cell.angle_beta   90.00
_cell.angle_gamma   90.00
#
_symmetry.space_group_name_H-M   'P 1'
#
loop_
_entity.id
_entity.type
_entity.pdbx_description
1 polymer 'Protein transport protein SEC31'
2 polymer 'Protein transport protein SEC13'
#
loop_
_entity_poly.entity_id
_entity_poly.type
_entity_poly.pdbx_seq_one_letter_code
_entity_poly.pdbx_strand_id
1 'polypeptide(L)'
;MVKLAEFSRTATFAWSHDKIPLLVSGTVSGTVDANFSTDSSLELWSLLAADSEKPIASLQVDSKFNDLDWSHNNKIIAGA
LDNGSLELYSTNEANNAINSMARFSNHSSSVKTVKFNAKQDNVLASGGNNGEIFIWDMNKCTESPSNYTPLTPGQSMSSV
DEVISLAWNQSLAHVFASAGSSNFASIWDLKAKKEVIHLSYTSPNSGIKQQLSVVEWHPKNSTRVATATGSDNDPSILIW
DLRNANTPLQTLNQGHQKGILSLDWCHQDEHLLLSSGRDNTVLLWNPESAEQLSQFPARGNWCFKTKFAPEAPDLFACAS
FDNKIEVQTLQNLTNTLDEQETETKQQESETDFWNNVSREESKEKPTVFHLQAPTWYGEPSPAAHWAFGGKLVQITPDGK
GVSITNPKISGLESNTTLSEALKTKDFKPLINQRLVKVIDDVNEEDWNLLEKLSMDGTEEFLKEALAFDNDESDAQDDAN
NEKEDDGEEFFQQIETNFQPEGDFSLSGNIEQTISKNLVSGNIKSAVKNSLENDLLMEAMVIALDSNNERLKESVKNAYF
AKYGSKSSLSRILYSISKREVDDLVENLDVSQWKFISKAIQNLYPNDIAQRNEMLIKLGDRLKENGHRQDSLTLYLAAGS
LDKVASIWLSEFPDLEDKLKKDNKTIYEAHSECLTEFIERFTVFSNFINGSSTINNEQLIAKFLEFINLTTSTGNFELAT
EFLNSLPSDNEEVKTEKARVLIASGKSLPAQNPATATTSKAKYTNAKTNKNVPVLPTPGMPSTTSIPSMQAPFYGMTPGA
SANALPPKPYVPATTTSAPVHTEGKYAPPSQPSMASPFVNKTNSSTRLNSFAPPPNPYATATVPATNVSTTSIPQNTFAP
IQPGMPIMGDYNAQSSSIPSQPPINAVSGQTPHLNRKANDGWNDLPLKVKEKPSRAKAVSVAPPNILSTPTPLNGIPANA
ASTMPPPPLSRAPSSVSMVSPPPLHKNSRVPSLVATSESPRASISNPYAPPQSSQQFPIGTISTANQTSNTAQVASSNPY
APPPQQRVATPLSGGVPPAPLPKASNPYAPTATTQPNGSSYPPTGPYTNNHTMTSPPPVFNKPPTGPPPISMKKRSNKLA
SIEQNPSQGATYPPTLSSSASPLQPSQPPTLASQVNTSAENVSHEIPADQQPIVDFLKEELARVTPLTPKEYSKQLKDCD
KRLKILFYHLEKQDLLTQPTIDCLHDLVALMKEKKYKEAMVIHANIATNHAQEGGNWLTGVKRLIGIAEATLN
;
A,C
2 'polypeptide(L)'
;MVVIANAHNELIHDAVLDYYGKRLATCSSDKTIKIFEVEGETHKLIDTLTGHEGPVWRVDWAHPKFGTILASCSYDGKVL
IWKEENGRWSQIAVHAVHSASVNSVQWAPHEYGPLLLVASSDGKVSVVEFKENGTTSPIIIDAHAIGVNSASWAPATIEE
DGEHNGTKESRKFVTGGADNLVKIWKYNSDAQTYVLESTLEGHSDWVRDVAWSPTVLLRSYLASVSQDRTCIIWTQDNEQ
GPWKKTLLKEEKFPDVLWRASWSLSGNVLALSGGDNKVTLWKENLEGKWEPAGEVHQ
;
B,D
#
# COMPACT_ATOMS: atom_id res chain seq x y z
N GLU A 379 25.02 19.40 99.09
CA GLU A 379 25.90 18.27 98.93
C GLU A 379 26.59 18.27 97.56
N PRO A 380 27.79 17.64 97.48
CA PRO A 380 28.55 17.56 96.22
C PRO A 380 27.95 16.52 95.27
N SER A 381 27.99 16.81 93.98
CA SER A 381 27.44 15.88 93.00
C SER A 381 27.67 16.30 91.55
N PRO A 382 27.99 15.32 90.69
CA PRO A 382 28.23 15.61 89.27
C PRO A 382 27.17 16.47 88.61
N ALA A 383 25.91 16.31 89.04
CA ALA A 383 24.79 17.06 88.48
C ALA A 383 24.73 16.95 86.95
N ALA A 384 24.99 15.76 86.44
CA ALA A 384 25.00 15.49 85.01
C ALA A 384 23.76 15.90 84.20
N HIS A 385 23.99 16.29 82.95
CA HIS A 385 22.94 16.69 82.02
C HIS A 385 23.29 16.29 80.59
N TRP A 386 22.27 16.08 79.76
CA TRP A 386 22.49 15.75 78.35
C TRP A 386 22.12 17.01 77.57
N ALA A 387 22.77 17.22 76.44
CA ALA A 387 22.49 18.38 75.63
C ALA A 387 22.61 18.00 74.17
N PHE A 388 21.99 18.81 73.31
CA PHE A 388 22.02 18.60 71.86
C PHE A 388 23.37 18.06 71.39
N GLY A 389 23.37 17.33 70.29
CA GLY A 389 24.62 16.79 69.77
C GLY A 389 25.12 15.59 70.55
N GLY A 390 24.34 15.18 71.55
CA GLY A 390 24.73 14.04 72.36
C GLY A 390 25.88 14.37 73.27
N LYS A 391 25.84 15.55 73.87
CA LYS A 391 26.89 15.99 74.76
C LYS A 391 26.51 15.81 76.23
N LEU A 392 27.48 15.42 77.05
CA LEU A 392 27.27 15.20 78.48
C LEU A 392 28.03 16.24 79.32
N VAL A 393 27.28 17.03 80.07
CA VAL A 393 27.87 18.04 80.93
C VAL A 393 27.79 17.58 82.38
N GLN A 394 28.92 17.67 83.09
CA GLN A 394 28.97 17.26 84.48
C GLN A 394 29.97 18.14 85.22
N ILE A 395 30.04 17.98 86.53
CA ILE A 395 30.93 18.76 87.37
C ILE A 395 32.08 17.92 87.87
N THR A 396 33.30 18.46 87.75
CA THR A 396 34.48 17.74 88.20
C THR A 396 34.39 17.45 89.68
N PRO A 397 35.05 16.38 90.14
CA PRO A 397 35.09 15.95 91.54
C PRO A 397 35.57 17.04 92.47
N ASP A 398 36.44 17.90 91.95
CA ASP A 398 36.96 19.01 92.75
C ASP A 398 35.81 19.97 93.05
N GLY A 399 34.67 19.72 92.42
CA GLY A 399 33.50 20.54 92.64
C GLY A 399 33.61 21.95 92.11
N LYS A 400 34.66 22.24 91.34
CA LYS A 400 34.84 23.58 90.81
C LYS A 400 35.05 23.64 89.30
N GLY A 401 34.87 22.50 88.64
CA GLY A 401 35.06 22.48 87.19
C GLY A 401 33.90 21.84 86.45
N VAL A 402 33.70 22.28 85.20
CA VAL A 402 32.65 21.77 84.32
C VAL A 402 33.31 20.95 83.20
N SER A 403 32.72 19.79 82.86
CA SER A 403 33.28 18.93 81.82
C SER A 403 32.27 18.45 80.78
N ILE A 404 32.38 18.97 79.55
CA ILE A 404 31.48 18.56 78.48
C ILE A 404 32.15 17.45 77.66
N THR A 405 31.37 16.44 77.30
CA THR A 405 31.90 15.33 76.50
C THR A 405 30.84 14.67 75.62
N ASN A 406 31.28 13.77 74.76
CA ASN A 406 30.40 13.03 73.86
C ASN A 406 30.62 11.53 74.10
N PRO A 407 29.98 10.99 75.14
CA PRO A 407 30.06 9.58 75.54
C PRO A 407 29.84 8.59 74.41
N LYS A 408 30.52 7.46 74.50
CA LYS A 408 30.43 6.39 73.51
C LYS A 408 29.27 5.48 73.86
N ILE A 409 28.18 5.61 73.11
CA ILE A 409 27.03 4.77 73.37
C ILE A 409 27.06 3.56 72.45
N SER A 410 27.48 2.43 72.99
CA SER A 410 27.56 1.20 72.22
C SER A 410 26.24 1.02 71.49
N GLY A 411 26.30 0.94 70.17
CA GLY A 411 25.10 0.77 69.38
C GLY A 411 24.84 2.00 68.54
N LEU A 412 25.28 3.16 69.04
CA LEU A 412 25.09 4.40 68.30
C LEU A 412 26.44 4.85 67.79
N GLU A 413 26.53 5.06 66.47
CA GLU A 413 27.76 5.49 65.83
C GLU A 413 27.42 6.40 64.66
N SER A 414 28.11 7.53 64.58
CA SER A 414 27.87 8.45 63.47
C SER A 414 27.97 7.63 62.19
N ASN A 415 27.20 7.99 61.17
CA ASN A 415 27.23 7.24 59.92
C ASN A 415 28.30 7.77 58.98
N THR A 416 29.47 7.14 59.03
CA THR A 416 30.59 7.54 58.20
C THR A 416 30.34 7.16 56.74
N THR A 417 30.15 5.87 56.52
CA THR A 417 29.88 5.33 55.20
C THR A 417 28.97 6.23 54.39
N LEU A 418 27.86 6.64 55.00
CA LEU A 418 26.89 7.51 54.35
C LEU A 418 27.49 8.88 54.06
N SER A 419 28.18 9.45 55.03
CA SER A 419 28.80 10.76 54.88
C SER A 419 29.87 10.73 53.80
N GLU A 420 30.67 9.66 53.81
CA GLU A 420 31.77 9.50 52.87
C GLU A 420 31.32 9.08 51.47
N ALA A 421 30.24 8.32 51.39
CA ALA A 421 29.76 7.88 50.08
C ALA A 421 28.94 9.01 49.45
N LEU A 422 28.26 9.79 50.29
CA LEU A 422 27.43 10.89 49.84
C LEU A 422 28.29 12.00 49.24
N LYS A 423 29.58 12.00 49.59
CA LYS A 423 30.52 12.99 49.09
C LYS A 423 31.29 12.43 47.89
N THR A 424 31.81 11.20 48.03
CA THR A 424 32.57 10.54 46.97
C THR A 424 31.62 9.80 46.03
N LYS A 425 30.32 10.02 46.23
CA LYS A 425 29.26 9.40 45.44
C LYS A 425 29.57 8.00 44.93
N ASP A 426 30.28 7.22 45.73
CA ASP A 426 30.61 5.83 45.41
C ASP A 426 29.99 5.00 46.51
N PHE A 427 28.79 4.49 46.24
CA PHE A 427 28.10 3.69 47.23
C PHE A 427 28.47 2.21 47.16
N LYS A 428 29.56 1.90 46.47
CA LYS A 428 30.01 0.52 46.35
C LYS A 428 30.12 -0.07 47.76
N PRO A 429 30.87 0.60 48.65
CA PRO A 429 31.02 0.11 50.02
C PRO A 429 29.68 0.06 50.78
N LEU A 430 28.95 1.18 50.77
CA LEU A 430 27.66 1.25 51.44
C LEU A 430 26.76 0.14 50.96
N ILE A 431 26.66 -0.02 49.64
CA ILE A 431 25.83 -1.06 49.06
C ILE A 431 26.34 -2.42 49.52
N ASN A 432 27.66 -2.58 49.50
CA ASN A 432 28.28 -3.84 49.90
C ASN A 432 28.04 -4.13 51.39
N GLN A 433 27.82 -3.08 52.17
CA GLN A 433 27.54 -3.23 53.60
C GLN A 433 26.12 -3.73 53.82
N ARG A 434 25.14 -3.02 53.26
CA ARG A 434 23.73 -3.40 53.39
C ARG A 434 23.48 -4.78 52.82
N LEU A 435 24.11 -5.07 51.69
CA LEU A 435 23.95 -6.35 51.02
C LEU A 435 24.44 -7.49 51.92
N VAL A 436 25.63 -7.33 52.50
CA VAL A 436 26.21 -8.35 53.37
C VAL A 436 25.50 -8.50 54.72
N LYS A 437 24.63 -7.56 55.07
CA LYS A 437 23.90 -7.62 56.34
C LYS A 437 22.41 -7.35 56.16
N VAL A 438 21.90 -7.65 54.97
CA VAL A 438 20.48 -7.46 54.64
C VAL A 438 19.56 -8.24 55.57
N ILE A 439 18.29 -7.86 55.59
CA ILE A 439 17.30 -8.52 56.43
C ILE A 439 16.49 -9.58 55.69
N ASP A 440 15.22 -9.29 55.39
CA ASP A 440 14.37 -10.26 54.68
C ASP A 440 14.70 -10.35 53.19
N ASP A 441 14.21 -11.42 52.56
CA ASP A 441 14.43 -11.68 51.14
C ASP A 441 14.15 -10.50 50.19
N VAL A 442 13.00 -9.86 50.34
CA VAL A 442 12.64 -8.72 49.49
C VAL A 442 13.71 -7.65 49.55
N ASN A 443 14.10 -7.28 50.76
CA ASN A 443 15.11 -6.26 50.98
C ASN A 443 16.35 -6.59 50.16
N GLU A 444 16.70 -7.86 50.10
CA GLU A 444 17.90 -8.28 49.36
C GLU A 444 17.82 -7.92 47.87
N GLU A 445 16.64 -8.05 47.29
CA GLU A 445 16.45 -7.73 45.88
C GLU A 445 16.74 -6.25 45.63
N ASP A 446 16.16 -5.40 46.46
CA ASP A 446 16.36 -3.97 46.33
C ASP A 446 17.84 -3.60 46.37
N TRP A 447 18.57 -4.15 47.34
CA TRP A 447 19.98 -3.82 47.41
C TRP A 447 20.74 -4.44 46.26
N ASN A 448 20.28 -5.58 45.77
CA ASN A 448 20.93 -6.22 44.62
C ASN A 448 20.61 -5.37 43.42
N LEU A 449 19.36 -4.93 43.32
CA LEU A 449 18.92 -4.07 42.24
C LEU A 449 19.85 -2.87 42.23
N LEU A 450 20.27 -2.46 43.42
CA LEU A 450 21.17 -1.34 43.57
C LEU A 450 22.63 -1.75 43.44
N GLU A 451 22.93 -3.02 43.73
CA GLU A 451 24.31 -3.49 43.62
C GLU A 451 24.74 -3.53 42.17
N LYS A 452 23.84 -4.01 41.32
CA LYS A 452 24.15 -4.11 39.90
C LYS A 452 23.94 -2.77 39.21
N LEU A 453 22.98 -1.99 39.69
CA LEU A 453 22.73 -0.67 39.13
C LEU A 453 23.99 0.14 39.38
N SER A 454 24.71 -0.23 40.43
CA SER A 454 25.95 0.42 40.81
C SER A 454 27.03 0.29 39.74
N MET A 455 27.28 -0.94 39.30
CA MET A 455 28.30 -1.20 38.28
C MET A 455 27.90 -0.77 36.85
N ASP A 456 26.87 -1.42 36.34
CA ASP A 456 26.38 -1.18 34.98
C ASP A 456 25.91 0.24 34.66
N GLY A 457 25.46 0.98 35.67
CA GLY A 457 25.00 2.33 35.42
C GLY A 457 23.52 2.31 35.10
N THR A 458 22.84 3.45 35.28
CA THR A 458 21.42 3.52 35.02
C THR A 458 21.01 3.13 33.60
N GLU A 459 21.50 3.86 32.60
CA GLU A 459 21.17 3.57 31.21
C GLU A 459 21.39 2.12 30.82
N GLU A 460 22.63 1.64 30.95
CA GLU A 460 22.96 0.27 30.60
C GLU A 460 22.11 -0.76 31.35
N PHE A 461 21.64 -0.38 32.54
CA PHE A 461 20.80 -1.29 33.31
C PHE A 461 19.45 -1.45 32.64
N LEU A 462 18.76 -0.32 32.41
CA LEU A 462 17.44 -0.36 31.79
C LEU A 462 17.42 -1.07 30.44
N LYS A 463 18.61 -1.29 29.86
CA LYS A 463 18.75 -1.99 28.59
C LYS A 463 18.54 -3.47 28.83
N GLU A 464 19.51 -4.09 29.50
CA GLU A 464 19.47 -5.51 29.81
C GLU A 464 18.19 -5.88 30.56
N ALA A 465 17.45 -4.88 31.04
CA ALA A 465 16.23 -5.13 31.79
C ALA A 465 14.94 -5.03 31.01
N LEU A 466 14.99 -4.39 29.84
CA LEU A 466 13.80 -4.22 29.02
C LEU A 466 13.86 -4.85 27.62
N ALA A 467 14.93 -5.59 27.32
CA ALA A 467 15.04 -6.24 26.02
C ALA A 467 14.32 -7.57 26.12
N PHE A 468 14.74 -8.53 25.30
CA PHE A 468 14.13 -9.87 25.32
C PHE A 468 15.21 -10.95 25.48
N ASP A 469 14.78 -12.20 25.60
CA ASP A 469 15.70 -13.33 25.76
C ASP A 469 16.93 -13.18 24.87
N GLU A 495 7.39 -18.65 0.68
CA GLU A 495 7.64 -19.31 -0.60
C GLU A 495 6.99 -18.55 -1.77
N THR A 496 7.82 -18.18 -2.74
CA THR A 496 7.38 -17.44 -3.92
C THR A 496 7.53 -18.29 -5.20
N ASN A 497 6.85 -17.88 -6.27
CA ASN A 497 6.89 -18.54 -7.58
C ASN A 497 5.50 -18.66 -8.23
N PHE A 498 4.97 -19.87 -8.28
CA PHE A 498 3.68 -20.15 -8.90
C PHE A 498 3.69 -19.96 -10.41
N GLN A 499 3.43 -21.05 -11.13
CA GLN A 499 3.38 -21.02 -12.58
C GLN A 499 2.01 -21.54 -13.00
N PRO A 500 1.21 -20.71 -13.67
CA PRO A 500 -0.12 -21.16 -14.09
C PRO A 500 0.03 -22.33 -15.05
N GLU A 501 -1.04 -23.12 -15.18
CA GLU A 501 -1.04 -24.29 -16.07
C GLU A 501 -2.44 -24.71 -16.48
N GLY A 502 -2.56 -25.16 -17.72
CA GLY A 502 -3.84 -25.65 -18.21
C GLY A 502 -5.02 -24.70 -18.27
N ASP A 503 -6.13 -25.23 -18.76
CA ASP A 503 -7.37 -24.48 -18.90
C ASP A 503 -7.98 -24.18 -17.55
N PHE A 504 -8.79 -23.13 -17.50
CA PHE A 504 -9.49 -22.76 -16.27
C PHE A 504 -10.62 -21.82 -16.67
N SER A 505 -11.47 -21.41 -15.75
CA SER A 505 -12.54 -20.52 -16.16
C SER A 505 -13.24 -19.83 -15.02
N LEU A 506 -13.77 -18.65 -15.29
CA LEU A 506 -14.45 -17.89 -14.28
C LEU A 506 -15.76 -18.58 -13.97
N SER A 507 -15.75 -19.28 -12.83
CA SER A 507 -16.92 -20.00 -12.34
C SER A 507 -17.66 -19.15 -11.32
N GLY A 508 -18.95 -18.93 -11.56
CA GLY A 508 -19.74 -18.14 -10.63
C GLY A 508 -19.86 -16.68 -11.03
N ASN A 509 -20.83 -16.00 -10.45
CA ASN A 509 -21.09 -14.59 -10.73
C ASN A 509 -20.07 -13.72 -10.00
N ILE A 510 -19.82 -14.06 -8.74
CA ILE A 510 -18.87 -13.34 -7.90
C ILE A 510 -17.54 -13.13 -8.62
N GLU A 511 -16.86 -14.23 -8.91
CA GLU A 511 -15.58 -14.15 -9.60
C GLU A 511 -15.68 -13.27 -10.84
N GLN A 512 -16.60 -13.60 -11.74
CA GLN A 512 -16.75 -12.86 -12.98
C GLN A 512 -16.92 -11.36 -12.77
N THR A 513 -17.75 -10.97 -11.81
CA THR A 513 -17.96 -9.55 -11.56
C THR A 513 -16.67 -8.86 -11.12
N ILE A 514 -15.96 -9.46 -10.17
CA ILE A 514 -14.70 -8.88 -9.69
C ILE A 514 -13.63 -8.82 -10.78
N SER A 515 -13.52 -9.89 -11.56
CA SER A 515 -12.56 -9.95 -12.65
C SER A 515 -12.83 -8.81 -13.63
N LYS A 516 -14.07 -8.70 -14.09
CA LYS A 516 -14.42 -7.64 -15.02
C LYS A 516 -13.95 -6.29 -14.45
N ASN A 517 -14.28 -6.04 -13.18
CA ASN A 517 -13.88 -4.80 -12.52
C ASN A 517 -12.40 -4.53 -12.75
N LEU A 518 -11.57 -5.46 -12.29
CA LEU A 518 -10.13 -5.33 -12.44
C LEU A 518 -9.75 -4.82 -13.81
N VAL A 519 -9.75 -5.71 -14.80
CA VAL A 519 -9.40 -5.36 -16.18
C VAL A 519 -9.95 -4.00 -16.61
N SER A 520 -11.21 -3.76 -16.31
CA SER A 520 -11.84 -2.49 -16.65
C SER A 520 -11.22 -1.36 -15.82
N GLY A 521 -9.95 -1.55 -15.44
CA GLY A 521 -9.21 -0.57 -14.65
C GLY A 521 -9.96 0.01 -13.45
N ASN A 522 -11.05 -0.64 -13.05
CA ASN A 522 -11.86 -0.15 -11.95
C ASN A 522 -11.47 -0.77 -10.60
N ILE A 523 -10.20 -0.61 -10.23
CA ILE A 523 -9.66 -1.16 -8.99
C ILE A 523 -10.49 -0.87 -7.74
N LYS A 524 -11.26 0.21 -7.75
CA LYS A 524 -12.06 0.54 -6.59
C LYS A 524 -13.24 -0.41 -6.37
N SER A 525 -14.04 -0.61 -7.41
CA SER A 525 -15.21 -1.48 -7.30
C SER A 525 -14.86 -2.92 -6.98
N ALA A 526 -13.74 -3.39 -7.54
CA ALA A 526 -13.27 -4.75 -7.32
C ALA A 526 -13.26 -5.07 -5.83
N VAL A 527 -12.77 -4.14 -5.02
CA VAL A 527 -12.68 -4.31 -3.58
C VAL A 527 -14.06 -4.31 -2.94
N LYS A 528 -14.93 -3.41 -3.39
CA LYS A 528 -16.27 -3.34 -2.84
C LYS A 528 -16.97 -4.67 -3.03
N ASN A 529 -16.93 -5.16 -4.27
CA ASN A 529 -17.56 -6.42 -4.62
C ASN A 529 -16.91 -7.56 -3.84
N SER A 530 -15.62 -7.38 -3.52
CA SER A 530 -14.89 -8.39 -2.77
C SER A 530 -15.39 -8.45 -1.33
N LEU A 531 -15.33 -7.31 -0.64
CA LEU A 531 -15.76 -7.23 0.75
C LEU A 531 -17.19 -7.68 0.96
N GLU A 532 -18.07 -7.35 0.02
CA GLU A 532 -19.47 -7.74 0.12
C GLU A 532 -19.63 -9.22 -0.19
N ASN A 533 -18.58 -9.96 0.09
CA ASN A 533 -18.51 -11.41 -0.10
C ASN A 533 -17.37 -11.76 0.84
N ASP A 534 -17.17 -13.03 1.14
CA ASP A 534 -16.08 -13.36 2.04
C ASP A 534 -14.79 -13.57 1.26
N LEU A 535 -14.53 -12.64 0.34
CA LEU A 535 -13.33 -12.66 -0.48
C LEU A 535 -12.43 -11.54 0.02
N LEU A 536 -12.21 -11.55 1.33
CA LEU A 536 -11.37 -10.56 1.99
C LEU A 536 -9.91 -10.73 1.59
N MET A 537 -9.44 -11.97 1.59
CA MET A 537 -8.07 -12.27 1.19
C MET A 537 -7.77 -11.54 -0.11
N GLU A 538 -8.68 -11.66 -1.07
CA GLU A 538 -8.53 -11.03 -2.36
C GLU A 538 -8.62 -9.51 -2.23
N ALA A 539 -9.70 -9.04 -1.60
CA ALA A 539 -9.90 -7.62 -1.41
C ALA A 539 -8.58 -7.02 -0.96
N MET A 540 -7.94 -7.71 -0.01
CA MET A 540 -6.65 -7.26 0.51
C MET A 540 -5.56 -7.27 -0.56
N VAL A 541 -5.52 -8.31 -1.39
CA VAL A 541 -4.52 -8.41 -2.45
C VAL A 541 -4.62 -7.28 -3.46
N ILE A 542 -5.85 -6.93 -3.83
CA ILE A 542 -6.04 -5.84 -4.79
C ILE A 542 -5.50 -4.55 -4.16
N ALA A 543 -5.96 -4.26 -2.94
CA ALA A 543 -5.55 -3.07 -2.21
C ALA A 543 -4.04 -2.96 -1.97
N LEU A 544 -3.39 -4.10 -1.86
CA LEU A 544 -1.95 -4.13 -1.63
C LEU A 544 -1.24 -3.78 -2.94
N ASP A 545 -2.01 -3.24 -3.89
CA ASP A 545 -1.45 -2.89 -5.20
C ASP A 545 -1.68 -1.42 -5.59
N SER A 546 -2.70 -0.81 -5.01
CA SER A 546 -3.00 0.59 -5.30
C SER A 546 -2.28 1.52 -4.36
N ASN A 547 -2.51 2.82 -4.54
CA ASN A 547 -1.91 3.86 -3.71
C ASN A 547 -3.02 4.46 -2.86
N ASN A 548 -4.22 4.47 -3.42
CA ASN A 548 -5.38 5.03 -2.74
C ASN A 548 -5.49 4.58 -1.29
N GLU A 549 -5.13 5.49 -0.38
CA GLU A 549 -5.14 5.23 1.05
C GLU A 549 -6.49 4.83 1.65
N ARG A 550 -7.52 5.65 1.42
CA ARG A 550 -8.85 5.37 1.98
C ARG A 550 -9.34 3.99 1.61
N LEU A 551 -9.00 3.55 0.41
CA LEU A 551 -9.37 2.22 -0.05
C LEU A 551 -8.37 1.27 0.58
N LYS A 552 -7.09 1.63 0.47
CA LYS A 552 -5.99 0.85 1.01
C LYS A 552 -6.16 0.72 2.53
N GLU A 553 -7.27 1.26 3.05
CA GLU A 553 -7.55 1.20 4.48
C GLU A 553 -8.97 0.73 4.79
N SER A 554 -9.85 0.83 3.81
CA SER A 554 -11.22 0.40 4.01
C SER A 554 -11.29 -1.10 4.27
N VAL A 555 -10.21 -1.80 3.92
CA VAL A 555 -10.13 -3.24 4.12
C VAL A 555 -9.58 -3.61 5.49
N LYS A 556 -8.55 -2.91 5.95
CA LYS A 556 -7.99 -3.19 7.27
C LYS A 556 -9.14 -3.17 8.26
N ASN A 557 -9.80 -2.02 8.33
CA ASN A 557 -10.94 -1.84 9.22
C ASN A 557 -11.99 -2.91 8.99
N ALA A 558 -11.85 -3.65 7.88
CA ALA A 558 -12.78 -4.71 7.52
C ALA A 558 -12.27 -6.05 8.06
N TYR A 559 -10.96 -6.20 8.12
CA TYR A 559 -10.33 -7.40 8.64
C TYR A 559 -10.59 -7.46 10.14
N PHE A 560 -10.13 -6.41 10.83
CA PHE A 560 -10.30 -6.31 12.27
C PHE A 560 -11.76 -6.47 12.64
N ALA A 561 -12.61 -5.78 11.89
CA ALA A 561 -14.05 -5.82 12.12
C ALA A 561 -14.58 -7.20 12.53
N LYS A 562 -13.96 -8.27 12.04
CA LYS A 562 -14.42 -9.61 12.39
C LYS A 562 -13.32 -10.60 12.80
N TYR A 563 -12.16 -10.10 13.17
CA TYR A 563 -11.08 -10.98 13.58
C TYR A 563 -10.31 -10.52 14.80
N GLY A 564 -10.17 -9.21 14.95
CA GLY A 564 -9.44 -8.67 16.09
C GLY A 564 -9.97 -9.16 17.43
N SER A 565 -11.06 -9.91 17.40
CA SER A 565 -11.68 -10.43 18.61
C SER A 565 -11.49 -11.94 18.79
N LYS A 566 -11.06 -12.61 17.73
CA LYS A 566 -10.87 -14.06 17.78
C LYS A 566 -9.39 -14.40 17.73
N SER A 567 -8.55 -13.38 17.82
CA SER A 567 -7.11 -13.59 17.76
C SER A 567 -6.33 -12.48 18.50
N SER A 568 -5.52 -12.88 19.47
CA SER A 568 -4.72 -11.93 20.25
C SER A 568 -3.78 -11.14 19.35
N LEU A 569 -3.19 -11.81 18.37
CA LEU A 569 -2.28 -11.13 17.46
C LEU A 569 -3.06 -10.15 16.57
N SER A 570 -4.34 -10.45 16.36
CA SER A 570 -5.19 -9.59 15.55
C SER A 570 -5.43 -8.28 16.31
N ARG A 571 -5.77 -8.42 17.59
CA ARG A 571 -6.02 -7.28 18.45
C ARG A 571 -4.75 -6.43 18.60
N ILE A 572 -3.58 -7.07 18.64
CA ILE A 572 -2.32 -6.36 18.75
C ILE A 572 -2.08 -5.57 17.47
N LEU A 573 -2.30 -6.20 16.32
CA LEU A 573 -2.12 -5.54 15.03
C LEU A 573 -3.02 -4.30 15.01
N TYR A 574 -4.28 -4.50 15.36
CA TYR A 574 -5.26 -3.44 15.41
C TYR A 574 -4.69 -2.22 16.10
N SER A 575 -3.90 -2.44 17.13
CA SER A 575 -3.29 -1.35 17.88
C SER A 575 -2.05 -0.79 17.20
N ILE A 576 -1.18 -1.66 16.70
CA ILE A 576 0.03 -1.20 16.01
C ILE A 576 -0.42 -0.37 14.82
N SER A 577 -1.45 -0.86 14.16
CA SER A 577 -2.00 -0.19 12.99
C SER A 577 -2.43 1.22 13.34
N LYS A 578 -3.40 1.32 14.24
CA LYS A 578 -3.96 2.60 14.65
C LYS A 578 -3.08 3.44 15.60
N ARG A 579 -1.77 3.21 15.57
CA ARG A 579 -0.82 3.94 16.41
C ARG A 579 -1.30 4.24 17.83
N GLU A 580 -1.52 3.19 18.61
CA GLU A 580 -1.99 3.34 19.99
C GLU A 580 -1.48 2.22 20.90
N VAL A 581 -1.57 2.47 22.21
CA VAL A 581 -1.13 1.52 23.22
C VAL A 581 -2.16 1.35 24.33
N ASP A 582 -3.03 2.33 24.50
CA ASP A 582 -4.06 2.29 25.53
C ASP A 582 -4.63 0.88 25.76
N ASP A 583 -4.91 0.17 24.67
CA ASP A 583 -5.48 -1.18 24.74
C ASP A 583 -4.55 -2.21 25.38
N LEU A 584 -3.32 -2.29 24.89
CA LEU A 584 -2.35 -3.24 25.43
C LEU A 584 -2.07 -2.90 26.88
N VAL A 585 -1.66 -1.66 27.10
CA VAL A 585 -1.33 -1.15 28.42
C VAL A 585 -2.38 -1.43 29.50
N GLU A 586 -3.63 -1.56 29.07
CA GLU A 586 -4.71 -1.77 30.04
C GLU A 586 -5.35 -3.17 30.05
N ASN A 587 -5.09 -3.99 29.04
CA ASN A 587 -5.71 -5.32 29.02
C ASN A 587 -4.78 -6.48 28.66
N LEU A 588 -3.70 -6.21 27.94
CA LEU A 588 -2.78 -7.28 27.58
C LEU A 588 -2.18 -7.82 28.87
N ASP A 589 -2.11 -9.13 28.99
CA ASP A 589 -1.60 -9.76 30.19
C ASP A 589 -0.27 -9.22 30.69
N VAL A 590 -0.28 -8.82 31.97
CA VAL A 590 0.87 -8.27 32.67
C VAL A 590 2.16 -9.08 32.50
N SER A 591 2.01 -10.35 32.19
CA SER A 591 3.14 -11.25 32.01
C SER A 591 3.95 -10.85 30.79
N GLN A 592 3.29 -10.26 29.81
CA GLN A 592 3.97 -9.83 28.59
C GLN A 592 4.22 -8.32 28.67
N TRP A 593 4.57 -7.85 29.87
CA TRP A 593 4.82 -6.42 30.03
C TRP A 593 6.02 -5.93 29.22
N LYS A 594 7.12 -6.68 29.20
CA LYS A 594 8.31 -6.26 28.45
C LYS A 594 7.94 -5.94 27.01
N PHE A 595 6.70 -6.24 26.67
CA PHE A 595 6.20 -5.98 25.32
C PHE A 595 5.45 -4.65 25.32
N ILE A 596 4.50 -4.50 26.23
CA ILE A 596 3.73 -3.26 26.34
C ILE A 596 4.75 -2.15 26.60
N SER A 597 5.93 -2.58 27.02
CA SER A 597 7.03 -1.69 27.31
C SER A 597 7.61 -1.19 26.00
N LYS A 598 7.83 -2.10 25.05
CA LYS A 598 8.38 -1.74 23.75
C LYS A 598 7.38 -0.98 22.88
N ALA A 599 6.10 -1.14 23.19
CA ALA A 599 5.06 -0.46 22.42
C ALA A 599 4.90 0.98 22.86
N ILE A 600 5.58 1.35 23.93
CA ILE A 600 5.52 2.71 24.42
C ILE A 600 6.72 3.46 23.86
N GLN A 601 7.88 2.81 23.93
CA GLN A 601 9.11 3.39 23.41
C GLN A 601 9.05 3.46 21.89
N ASN A 602 8.19 2.61 21.30
CA ASN A 602 8.03 2.55 19.86
C ASN A 602 7.08 3.59 19.29
N LEU A 603 5.93 3.79 19.93
CA LEU A 603 4.93 4.75 19.47
C LEU A 603 5.20 6.19 19.90
N TYR A 604 5.90 6.37 21.01
CA TYR A 604 6.21 7.71 21.52
C TYR A 604 7.70 7.95 21.64
N PRO A 605 8.47 7.65 20.58
CA PRO A 605 9.92 7.88 20.65
C PRO A 605 10.41 9.33 20.72
N ASN A 606 9.53 10.29 20.45
CA ASN A 606 9.92 11.70 20.50
C ASN A 606 8.96 12.55 21.33
N ASP A 607 8.26 11.92 22.27
CA ASP A 607 7.32 12.60 23.14
C ASP A 607 7.45 11.97 24.52
N ILE A 608 8.48 12.41 25.26
CA ILE A 608 8.80 11.91 26.59
C ILE A 608 7.72 12.04 27.66
N ALA A 609 7.00 13.15 27.69
CA ALA A 609 5.97 13.34 28.70
C ALA A 609 4.95 12.21 28.63
N GLN A 610 4.55 11.89 27.40
CA GLN A 610 3.57 10.83 27.16
C GLN A 610 4.22 9.45 27.39
N ARG A 611 5.45 9.31 26.93
CA ARG A 611 6.21 8.07 27.08
C ARG A 611 6.24 7.66 28.54
N ASN A 612 6.44 8.64 29.41
CA ASN A 612 6.50 8.36 30.83
C ASN A 612 5.15 8.28 31.50
N GLU A 613 4.14 8.94 30.95
CA GLU A 613 2.83 8.86 31.56
C GLU A 613 2.33 7.43 31.38
N MET A 614 2.65 6.83 30.23
CA MET A 614 2.25 5.47 29.93
C MET A 614 3.10 4.46 30.70
N LEU A 615 4.42 4.61 30.67
CA LEU A 615 5.29 3.71 31.40
C LEU A 615 4.81 3.63 32.86
N ILE A 616 4.41 4.78 33.42
CA ILE A 616 3.92 4.86 34.79
C ILE A 616 2.63 4.05 34.92
N LYS A 617 1.67 4.37 34.06
CA LYS A 617 0.38 3.70 34.05
C LYS A 617 0.56 2.19 34.08
N LEU A 618 1.67 1.72 33.51
CA LEU A 618 1.94 0.29 33.49
C LEU A 618 2.53 -0.17 34.80
N GLY A 619 3.56 0.54 35.27
CA GLY A 619 4.19 0.19 36.54
C GLY A 619 3.14 -0.04 37.61
N ASP A 620 2.19 0.89 37.71
CA ASP A 620 1.12 0.77 38.70
C ASP A 620 0.41 -0.56 38.55
N ARG A 621 0.14 -0.93 37.31
CA ARG A 621 -0.56 -2.17 37.02
C ARG A 621 0.28 -3.39 37.43
N LEU A 622 1.58 -3.37 37.11
CA LEU A 622 2.47 -4.46 37.49
C LEU A 622 2.46 -4.63 39.01
N LYS A 623 2.95 -3.62 39.71
CA LYS A 623 3.01 -3.65 41.16
C LYS A 623 1.71 -4.08 41.81
N GLU A 624 0.60 -3.70 41.19
CA GLU A 624 -0.71 -4.05 41.74
C GLU A 624 -1.17 -5.45 41.32
N ASN A 625 -0.34 -6.12 40.53
CA ASN A 625 -0.65 -7.47 40.06
C ASN A 625 0.57 -8.36 40.18
N GLY A 626 1.16 -8.37 41.37
CA GLY A 626 2.30 -9.21 41.64
C GLY A 626 3.66 -8.94 41.02
N HIS A 627 3.78 -7.93 40.16
CA HIS A 627 5.07 -7.64 39.57
C HIS A 627 5.65 -6.41 40.24
N ARG A 628 6.17 -6.64 41.44
CA ARG A 628 6.76 -5.60 42.27
C ARG A 628 8.13 -5.23 41.69
N GLN A 629 9.04 -6.19 41.68
CA GLN A 629 10.39 -5.94 41.17
C GLN A 629 10.36 -5.25 39.80
N ASP A 630 9.46 -5.69 38.93
CA ASP A 630 9.36 -5.11 37.59
C ASP A 630 8.78 -3.72 37.54
N SER A 631 7.74 -3.45 38.31
CA SER A 631 7.14 -2.12 38.31
C SER A 631 8.18 -1.09 38.70
N LEU A 632 9.17 -1.50 39.49
CA LEU A 632 10.23 -0.58 39.91
C LEU A 632 11.11 -0.28 38.71
N THR A 633 11.37 -1.28 37.89
CA THR A 633 12.19 -1.09 36.70
C THR A 633 11.53 -0.07 35.78
N LEU A 634 10.22 -0.23 35.56
CA LEU A 634 9.49 0.70 34.70
C LEU A 634 9.54 2.11 35.29
N TYR A 635 9.34 2.21 36.60
CA TYR A 635 9.37 3.49 37.30
C TYR A 635 10.76 4.12 37.14
N LEU A 636 11.80 3.31 37.32
CA LEU A 636 13.18 3.77 37.20
C LEU A 636 13.44 4.40 35.84
N ALA A 637 12.65 3.99 34.86
CA ALA A 637 12.78 4.49 33.50
C ALA A 637 11.82 5.64 33.21
N ALA A 638 10.79 5.79 34.05
CA ALA A 638 9.84 6.86 33.85
C ALA A 638 10.27 8.05 34.70
N GLY A 639 11.30 7.84 35.52
CA GLY A 639 11.79 8.92 36.35
C GLY A 639 10.78 9.34 37.41
N SER A 640 10.07 8.37 37.97
CA SER A 640 9.08 8.66 39.01
C SER A 640 9.50 8.17 40.38
N LEU A 641 10.45 8.87 40.98
CA LEU A 641 10.93 8.53 42.31
C LEU A 641 9.78 8.49 43.29
N ASP A 642 8.77 9.32 43.04
CA ASP A 642 7.58 9.39 43.91
C ASP A 642 6.87 8.04 44.07
N LYS A 643 6.73 7.31 42.97
CA LYS A 643 6.07 6.01 43.00
C LYS A 643 6.90 5.03 43.82
N VAL A 644 8.21 5.01 43.59
CA VAL A 644 9.10 4.12 44.32
C VAL A 644 9.13 4.49 45.79
N ALA A 645 9.06 5.79 46.07
CA ALA A 645 9.07 6.27 47.44
C ALA A 645 7.81 5.79 48.13
N SER A 646 6.67 6.05 47.51
CA SER A 646 5.38 5.62 48.07
C SER A 646 5.33 4.12 48.36
N ILE A 647 5.81 3.31 47.43
CA ILE A 647 5.80 1.87 47.67
C ILE A 647 6.62 1.58 48.93
N TRP A 648 7.84 2.10 48.96
CA TRP A 648 8.73 1.88 50.10
C TRP A 648 8.22 2.39 51.45
N LEU A 649 7.44 3.46 51.44
CA LEU A 649 6.89 4.00 52.69
C LEU A 649 5.77 3.14 53.22
N SER A 650 5.09 2.42 52.33
CA SER A 650 3.99 1.56 52.74
C SER A 650 4.58 0.25 53.27
N GLU A 651 5.71 -0.13 52.69
CA GLU A 651 6.38 -1.36 53.10
C GLU A 651 7.20 -1.16 54.37
N PHE A 652 7.25 0.08 54.85
CA PHE A 652 8.03 0.43 56.04
C PHE A 652 7.64 -0.34 57.31
N PRO A 653 6.40 -0.19 57.79
CA PRO A 653 5.96 -0.88 59.00
C PRO A 653 6.43 -2.33 59.07
N ASP A 654 5.79 -3.19 58.28
CA ASP A 654 6.16 -4.60 58.26
C ASP A 654 7.66 -4.82 58.34
N LEU A 655 8.42 -3.91 57.74
CA LEU A 655 9.87 -4.01 57.74
C LEU A 655 10.44 -3.77 59.13
N GLU A 656 9.89 -2.79 59.84
CA GLU A 656 10.36 -2.50 61.19
C GLU A 656 9.92 -3.60 62.16
N ASP A 657 8.88 -4.32 61.79
CA ASP A 657 8.38 -5.42 62.62
C ASP A 657 9.26 -6.64 62.52
N LYS A 658 9.70 -6.97 61.31
CA LYS A 658 10.55 -8.13 61.14
C LYS A 658 11.87 -7.87 61.87
N LEU A 659 12.18 -6.60 62.10
CA LEU A 659 13.41 -6.24 62.81
C LEU A 659 13.22 -6.34 64.32
N LYS A 660 12.04 -5.95 64.77
CA LYS A 660 11.71 -5.99 66.20
C LYS A 660 11.61 -7.41 66.74
N LYS A 661 11.30 -8.36 65.87
CA LYS A 661 11.20 -9.76 66.26
C LYS A 661 12.58 -10.36 66.26
N ASP A 662 13.52 -9.63 65.66
CA ASP A 662 14.90 -10.12 65.59
C ASP A 662 15.76 -9.75 66.79
N ASN A 663 15.16 -9.76 67.98
CA ASN A 663 15.87 -9.47 69.22
C ASN A 663 16.49 -8.10 69.22
N LYS A 664 15.64 -7.09 69.13
CA LYS A 664 16.10 -5.72 69.13
C LYS A 664 15.09 -4.90 69.92
N THR A 665 15.58 -3.94 70.68
CA THR A 665 14.71 -3.09 71.48
C THR A 665 13.89 -2.20 70.55
N ILE A 666 12.78 -1.67 71.06
CA ILE A 666 11.92 -0.80 70.26
C ILE A 666 12.77 0.24 69.55
N TYR A 667 13.85 0.66 70.20
CA TYR A 667 14.71 1.66 69.62
C TYR A 667 15.66 1.08 68.56
N GLU A 668 16.31 -0.04 68.85
CA GLU A 668 17.23 -0.62 67.88
C GLU A 668 16.50 -0.87 66.56
N ALA A 669 15.28 -1.38 66.66
CA ALA A 669 14.47 -1.65 65.47
C ALA A 669 14.19 -0.35 64.73
N HIS A 670 13.54 0.59 65.41
CA HIS A 670 13.19 1.89 64.82
C HIS A 670 14.42 2.55 64.23
N SER A 671 15.52 2.49 64.97
CA SER A 671 16.77 3.09 64.53
C SER A 671 17.26 2.40 63.26
N GLU A 672 17.50 1.10 63.35
CA GLU A 672 17.98 0.34 62.21
C GLU A 672 17.10 0.53 60.97
N CYS A 673 15.79 0.44 61.16
CA CYS A 673 14.84 0.58 60.05
C CYS A 673 14.99 1.88 59.29
N LEU A 674 14.76 3.01 59.97
CA LEU A 674 14.88 4.33 59.34
C LEU A 674 16.21 4.55 58.63
N THR A 675 17.26 3.87 59.10
CA THR A 675 18.58 4.03 58.50
C THR A 675 18.63 3.29 57.17
N GLU A 676 18.18 2.03 57.18
CA GLU A 676 18.16 1.19 55.98
C GLU A 676 17.34 1.86 54.89
N PHE A 677 16.19 2.40 55.28
CA PHE A 677 15.29 3.08 54.35
C PHE A 677 15.96 4.32 53.76
N ILE A 678 16.62 5.09 54.62
CA ILE A 678 17.29 6.32 54.18
C ILE A 678 18.49 6.03 53.27
N GLU A 679 19.24 4.98 53.57
CA GLU A 679 20.40 4.66 52.74
C GLU A 679 19.92 4.01 51.45
N ARG A 680 18.82 3.28 51.52
CA ARG A 680 18.26 2.61 50.35
C ARG A 680 17.64 3.65 49.41
N PHE A 681 17.04 4.68 49.99
CA PHE A 681 16.41 5.75 49.22
C PHE A 681 17.43 6.70 48.61
N THR A 682 18.51 6.95 49.35
CA THR A 682 19.55 7.85 48.89
C THR A 682 20.28 7.30 47.68
N VAL A 683 20.70 6.04 47.79
CA VAL A 683 21.41 5.37 46.71
C VAL A 683 20.52 5.22 45.47
N PHE A 684 19.22 5.00 45.70
CA PHE A 684 18.31 4.86 44.57
C PHE A 684 18.06 6.20 43.89
N SER A 685 17.85 7.25 44.68
CA SER A 685 17.60 8.56 44.12
C SER A 685 18.84 9.09 43.39
N ASN A 686 19.96 8.36 43.54
CA ASN A 686 21.23 8.74 42.92
C ASN A 686 21.45 8.15 41.52
N PHE A 687 20.50 7.38 41.03
CA PHE A 687 20.64 6.80 39.69
C PHE A 687 19.46 7.15 38.78
N ILE A 688 18.36 7.53 39.38
CA ILE A 688 17.16 7.88 38.63
C ILE A 688 17.16 9.36 38.29
N ASN A 689 16.13 9.80 37.56
CA ASN A 689 15.96 11.19 37.15
C ASN A 689 14.90 11.91 38.00
N GLY A 690 15.15 12.03 39.31
CA GLY A 690 14.18 12.68 40.18
C GLY A 690 14.63 14.02 40.75
N ILE A 694 11.58 17.24 47.28
CA ILE A 694 10.65 16.37 48.00
C ILE A 694 9.27 17.04 48.15
N ASN A 695 8.20 16.29 47.88
CA ASN A 695 6.85 16.82 48.02
C ASN A 695 5.91 15.82 48.71
N ASN A 696 6.47 14.71 49.16
CA ASN A 696 5.72 13.67 49.85
C ASN A 696 5.81 13.90 51.36
N GLU A 697 4.69 14.21 52.00
CA GLU A 697 4.67 14.47 53.44
C GLU A 697 5.40 13.46 54.32
N GLN A 698 4.89 12.23 54.38
CA GLN A 698 5.50 11.20 55.21
C GLN A 698 7.01 11.06 54.99
N LEU A 699 7.44 11.17 53.73
CA LEU A 699 8.85 11.07 53.40
C LEU A 699 9.60 12.19 54.13
N ILE A 700 9.07 13.41 54.00
CA ILE A 700 9.65 14.56 54.67
C ILE A 700 9.68 14.24 56.15
N ALA A 701 8.51 13.93 56.69
CA ALA A 701 8.35 13.60 58.10
C ALA A 701 9.44 12.65 58.56
N LYS A 702 9.65 11.58 57.80
CA LYS A 702 10.66 10.62 58.19
C LYS A 702 12.06 11.12 57.90
N PHE A 703 12.17 12.13 57.03
CA PHE A 703 13.47 12.69 56.72
C PHE A 703 13.94 13.41 57.97
N LEU A 704 13.06 14.25 58.48
CA LEU A 704 13.34 15.01 59.69
C LEU A 704 13.80 14.05 60.79
N GLU A 705 13.11 12.92 60.91
CA GLU A 705 13.45 11.93 61.93
C GLU A 705 14.91 11.47 61.89
N PHE A 706 15.41 11.16 60.70
CA PHE A 706 16.78 10.71 60.55
C PHE A 706 17.76 11.84 60.93
N ILE A 707 17.31 13.08 60.78
CA ILE A 707 18.14 14.24 61.11
C ILE A 707 18.55 14.16 62.57
N ASN A 708 17.54 14.08 63.43
CA ASN A 708 17.77 14.03 64.86
C ASN A 708 18.67 12.87 65.30
N LEU A 709 18.43 11.69 64.74
CA LEU A 709 19.25 10.55 65.10
C LEU A 709 20.69 10.86 64.69
N THR A 710 20.85 11.63 63.62
CA THR A 710 22.17 11.98 63.14
C THR A 710 22.83 13.04 63.99
N THR A 711 22.07 14.07 64.36
CA THR A 711 22.65 15.11 65.19
C THR A 711 23.09 14.50 66.50
N SER A 712 22.27 13.60 67.04
CA SER A 712 22.59 12.94 68.29
C SER A 712 23.89 12.15 68.19
N THR A 713 24.36 11.90 66.98
CA THR A 713 25.61 11.16 66.80
C THR A 713 26.77 12.16 66.78
N GLY A 714 26.43 13.44 66.72
CA GLY A 714 27.44 14.48 66.69
C GLY A 714 27.86 14.81 65.27
N ASN A 715 27.40 14.01 64.33
CA ASN A 715 27.74 14.20 62.92
C ASN A 715 26.83 15.28 62.32
N PHE A 716 27.07 16.52 62.71
CA PHE A 716 26.26 17.63 62.21
C PHE A 716 26.40 17.83 60.71
N GLU A 717 27.51 17.35 60.15
CA GLU A 717 27.73 17.53 58.72
C GLU A 717 26.75 16.71 57.87
N LEU A 718 26.61 15.43 58.21
CA LEU A 718 25.71 14.55 57.48
C LEU A 718 24.27 14.99 57.70
N ALA A 719 24.02 15.63 58.83
CA ALA A 719 22.70 16.10 59.19
C ALA A 719 22.31 17.29 58.32
N THR A 720 23.26 18.17 58.07
CA THR A 720 23.00 19.34 57.26
C THR A 720 22.72 18.92 55.83
N GLU A 721 23.51 17.97 55.34
CA GLU A 721 23.33 17.48 53.99
C GLU A 721 21.88 17.14 53.73
N PHE A 722 21.27 16.35 54.61
CA PHE A 722 19.87 15.98 54.46
C PHE A 722 18.96 17.17 54.72
N LEU A 723 19.44 18.11 55.53
CA LEU A 723 18.66 19.29 55.82
C LEU A 723 18.47 20.09 54.53
N ASN A 724 19.55 20.18 53.76
CA ASN A 724 19.52 20.91 52.49
C ASN A 724 18.49 20.37 51.51
N SER A 725 18.54 19.05 51.31
CA SER A 725 17.63 18.38 50.38
C SER A 725 16.14 18.54 50.70
N LEU A 726 15.82 18.98 51.91
CA LEU A 726 14.42 19.17 52.27
C LEU A 726 13.97 20.56 51.83
N PRO A 727 12.67 20.70 51.51
CA PRO A 727 12.17 22.00 51.08
C PRO A 727 12.32 23.06 52.16
N SER A 728 13.11 24.09 51.88
CA SER A 728 13.33 25.17 52.83
C SER A 728 12.04 25.96 53.00
N ASP A 729 10.92 25.29 52.73
CA ASP A 729 9.60 25.87 52.85
C ASP A 729 8.96 25.37 54.13
N ASN A 730 9.47 24.26 54.64
CA ASN A 730 8.95 23.66 55.87
C ASN A 730 9.64 24.23 57.09
N GLU A 731 8.83 24.76 58.01
CA GLU A 731 9.33 25.37 59.24
C GLU A 731 10.16 24.43 60.10
N GLU A 732 9.68 23.21 60.34
CA GLU A 732 10.46 22.26 61.13
C GLU A 732 11.83 22.16 60.46
N VAL A 733 11.81 22.17 59.14
CA VAL A 733 13.02 22.11 58.33
C VAL A 733 13.80 23.39 58.58
N LYS A 734 13.06 24.48 58.71
CA LYS A 734 13.63 25.80 58.97
C LYS A 734 14.37 25.80 60.30
N THR A 735 13.60 25.58 61.37
CA THR A 735 14.12 25.55 62.73
C THR A 735 15.37 24.69 62.88
N GLU A 736 15.28 23.42 62.48
CA GLU A 736 16.41 22.50 62.57
C GLU A 736 17.61 22.98 61.78
N LYS A 737 17.35 23.66 60.67
CA LYS A 737 18.40 24.20 59.81
C LYS A 737 19.20 25.20 60.63
N ALA A 738 18.47 26.06 61.36
CA ALA A 738 19.06 27.07 62.21
C ALA A 738 19.79 26.44 63.40
N ARG A 739 19.10 25.54 64.10
CA ARG A 739 19.70 24.88 65.25
C ARG A 739 21.00 24.16 64.91
N VAL A 740 20.97 23.34 63.86
CA VAL A 740 22.16 22.59 63.47
C VAL A 740 23.30 23.57 63.21
N LEU A 741 22.97 24.71 62.62
CA LEU A 741 23.96 25.74 62.32
C LEU A 741 24.70 26.16 63.58
N ILE A 742 24.01 26.83 64.49
CA ILE A 742 24.62 27.28 65.73
C ILE A 742 25.34 26.14 66.46
N ALA A 743 24.68 24.98 66.57
CA ALA A 743 25.26 23.83 67.24
C ALA A 743 26.64 23.45 66.72
N SER A 744 26.81 23.57 65.40
CA SER A 744 28.07 23.23 64.78
C SER A 744 28.99 24.44 64.64
N GLY A 745 28.43 25.55 64.16
CA GLY A 745 29.19 26.78 63.94
C GLY A 745 29.87 27.42 65.14
N VAL B 2 37.03 17.85 77.10
CA VAL B 2 36.94 19.33 77.27
C VAL B 2 36.67 19.64 78.74
N VAL B 3 37.56 20.39 79.38
CA VAL B 3 37.38 20.73 80.79
C VAL B 3 37.61 22.20 81.07
N ILE B 4 36.75 22.77 81.90
CA ILE B 4 36.85 24.17 82.29
C ILE B 4 37.05 24.18 83.81
N ALA B 5 38.27 23.90 84.25
CA ALA B 5 38.61 23.86 85.67
C ALA B 5 38.51 25.23 86.33
N ASN B 6 38.10 25.24 87.59
CA ASN B 6 37.97 26.47 88.36
C ASN B 6 37.05 27.51 87.72
N ALA B 7 35.80 27.15 87.50
CA ALA B 7 34.82 28.07 86.92
C ALA B 7 34.29 28.93 88.05
N HIS B 8 34.42 28.39 89.27
CA HIS B 8 34.00 29.04 90.52
C HIS B 8 34.96 28.62 91.64
N ASN B 9 35.02 29.39 92.73
CA ASN B 9 35.88 29.04 93.85
C ASN B 9 35.11 28.32 94.95
N GLU B 10 33.80 28.54 94.98
CA GLU B 10 32.90 27.89 95.93
C GLU B 10 32.37 26.66 95.18
N LEU B 11 31.85 25.67 95.88
CA LEU B 11 31.34 24.47 95.21
C LEU B 11 30.19 24.78 94.24
N ILE B 12 30.25 24.16 93.06
CA ILE B 12 29.25 24.33 91.99
C ILE B 12 28.13 23.29 92.08
N HIS B 13 26.89 23.75 91.89
CA HIS B 13 25.73 22.86 91.98
C HIS B 13 24.98 22.59 90.69
N ASP B 14 25.30 23.32 89.63
CA ASP B 14 24.59 23.12 88.37
C ASP B 14 25.37 23.68 87.18
N ALA B 15 25.32 22.96 86.06
CA ALA B 15 25.99 23.34 84.81
C ALA B 15 25.10 22.82 83.67
N VAL B 16 24.49 23.73 82.94
CA VAL B 16 23.58 23.36 81.86
C VAL B 16 23.91 24.04 80.53
N LEU B 17 23.93 23.26 79.44
CA LEU B 17 24.18 23.80 78.09
C LEU B 17 22.82 24.14 77.48
N ASP B 18 22.77 25.15 76.63
CA ASP B 18 21.50 25.57 76.02
C ASP B 18 21.03 24.78 74.81
N TYR B 19 19.93 25.22 74.21
CA TYR B 19 19.33 24.57 73.05
C TYR B 19 20.30 24.12 71.98
N TYR B 20 21.46 24.76 71.87
CA TYR B 20 22.41 24.38 70.84
C TYR B 20 23.57 23.57 71.42
N GLY B 21 23.54 23.41 72.73
CA GLY B 21 24.58 22.65 73.41
C GLY B 21 25.95 23.25 73.15
N LYS B 22 26.01 24.58 73.17
CA LYS B 22 27.26 25.28 72.93
C LYS B 22 27.50 26.36 73.98
N ARG B 23 26.42 26.88 74.55
CA ARG B 23 26.47 27.92 75.57
C ARG B 23 26.30 27.37 76.99
N LEU B 24 27.39 27.29 77.74
CA LEU B 24 27.37 26.77 79.10
C LEU B 24 26.86 27.76 80.14
N ALA B 25 26.52 27.26 81.32
CA ALA B 25 26.05 28.11 82.40
C ALA B 25 26.17 27.35 83.72
N THR B 26 26.76 28.00 84.72
CA THR B 26 26.96 27.36 86.02
C THR B 26 26.40 28.19 87.16
N CYS B 27 26.32 27.57 88.33
CA CYS B 27 25.83 28.20 89.55
C CYS B 27 26.40 27.48 90.76
N SER B 28 26.64 28.22 91.84
CA SER B 28 27.18 27.62 93.06
C SER B 28 26.91 28.47 94.30
N SER B 29 27.57 28.12 95.40
CA SER B 29 27.38 28.83 96.67
C SER B 29 27.75 30.31 96.62
N ASP B 30 28.71 30.67 95.77
CA ASP B 30 29.13 32.06 95.67
C ASP B 30 27.95 32.96 95.35
N LYS B 31 26.79 32.34 95.15
CA LYS B 31 25.56 33.08 94.87
C LYS B 31 25.56 33.74 93.50
N THR B 32 26.33 33.18 92.58
CA THR B 32 26.44 33.73 91.23
C THR B 32 26.33 32.65 90.13
N ILE B 33 26.00 33.11 88.93
CA ILE B 33 25.88 32.26 87.76
C ILE B 33 26.96 32.71 86.76
N LYS B 34 27.49 31.80 85.95
CA LYS B 34 28.50 32.17 84.96
C LYS B 34 28.20 31.61 83.57
N ILE B 35 28.27 32.47 82.56
CA ILE B 35 28.01 32.06 81.19
C ILE B 35 29.33 31.77 80.48
N PHE B 36 29.39 30.62 79.81
CA PHE B 36 30.60 30.22 79.10
C PHE B 36 30.32 29.91 77.63
N GLU B 37 31.38 29.85 76.84
CA GLU B 37 31.30 29.53 75.41
C GLU B 37 32.38 28.50 75.13
N VAL B 38 31.97 27.24 75.03
CA VAL B 38 32.93 26.17 74.78
C VAL B 38 32.93 25.79 73.30
N GLU B 39 34.11 25.42 72.79
CA GLU B 39 34.26 25.02 71.39
C GLU B 39 34.87 23.62 71.36
N GLY B 40 36.11 23.52 70.89
CA GLY B 40 36.78 22.25 70.86
C GLY B 40 37.17 21.94 72.29
N GLU B 41 38.37 22.37 72.68
CA GLU B 41 38.85 22.16 74.05
C GLU B 41 39.33 23.49 74.60
N THR B 42 38.51 24.51 74.39
CA THR B 42 38.80 25.86 74.85
C THR B 42 37.54 26.36 75.55
N HIS B 43 37.61 27.58 76.07
CA HIS B 43 36.45 28.18 76.74
C HIS B 43 36.71 29.64 77.08
N LYS B 44 35.64 30.44 77.13
CA LYS B 44 35.78 31.84 77.46
C LYS B 44 34.62 32.29 78.31
N LEU B 45 34.92 32.82 79.49
CA LEU B 45 33.87 33.31 80.37
C LEU B 45 33.18 34.42 79.58
N ILE B 46 31.90 34.66 79.85
CA ILE B 46 31.18 35.68 79.11
C ILE B 46 30.48 36.64 80.05
N ASP B 47 30.33 36.24 81.31
CA ASP B 47 29.65 37.08 82.31
C ASP B 47 29.47 36.36 83.64
N THR B 48 29.01 37.10 84.64
CA THR B 48 28.74 36.57 85.97
C THR B 48 27.47 37.21 86.48
N LEU B 49 26.42 36.40 86.58
CA LEU B 49 25.10 36.84 87.03
C LEU B 49 25.07 37.05 88.54
N THR B 50 24.59 38.22 88.96
CA THR B 50 24.53 38.55 90.38
C THR B 50 23.15 38.97 90.86
N GLY B 51 22.83 38.58 92.08
CA GLY B 51 21.53 38.94 92.65
C GLY B 51 21.05 38.05 93.79
N HIS B 52 21.21 36.73 93.64
CA HIS B 52 20.77 35.78 94.66
C HIS B 52 21.48 35.96 96.00
N GLU B 53 20.67 36.03 97.05
CA GLU B 53 21.15 36.23 98.40
C GLU B 53 21.61 34.95 99.09
N GLY B 54 21.64 33.84 98.35
CA GLY B 54 22.06 32.58 98.94
C GLY B 54 22.60 31.68 97.86
N PRO B 55 23.20 30.55 98.23
CA PRO B 55 23.75 29.64 97.21
C PRO B 55 22.70 29.30 96.15
N VAL B 56 23.10 29.33 94.88
CA VAL B 56 22.20 29.02 93.77
C VAL B 56 22.22 27.53 93.50
N TRP B 57 21.03 26.92 93.54
CA TRP B 57 20.86 25.48 93.34
C TRP B 57 20.75 25.00 91.89
N ARG B 58 19.95 25.68 91.08
CA ARG B 58 19.79 25.21 89.71
C ARG B 58 19.52 26.27 88.66
N VAL B 59 19.68 25.87 87.41
CA VAL B 59 19.43 26.76 86.26
C VAL B 59 18.84 25.98 85.09
N ASP B 60 18.02 26.66 84.30
CA ASP B 60 17.40 26.04 83.14
C ASP B 60 17.29 27.03 81.98
N TRP B 61 17.85 26.64 80.84
CA TRP B 61 17.80 27.47 79.64
C TRP B 61 16.43 27.35 79.00
N ALA B 62 15.92 28.46 78.48
CA ALA B 62 14.63 28.43 77.84
C ALA B 62 14.76 28.15 76.33
N HIS B 63 13.63 27.87 75.69
CA HIS B 63 13.62 27.61 74.26
C HIS B 63 13.98 28.90 73.53
N PRO B 64 14.85 28.81 72.53
CA PRO B 64 15.27 29.99 71.76
C PRO B 64 14.14 30.85 71.21
N LYS B 65 12.97 30.26 70.96
CA LYS B 65 11.87 31.03 70.40
C LYS B 65 11.32 32.13 71.30
N PHE B 66 11.89 32.29 72.48
CA PHE B 66 11.44 33.32 73.40
C PHE B 66 12.53 34.37 73.58
N GLY B 67 13.74 33.99 73.24
CA GLY B 67 14.89 34.88 73.36
C GLY B 67 15.99 34.08 74.01
N THR B 68 17.01 34.76 74.53
CA THR B 68 18.09 34.06 75.21
C THR B 68 17.90 34.26 76.72
N ILE B 69 17.18 33.33 77.33
CA ILE B 69 16.89 33.40 78.76
C ILE B 69 17.46 32.22 79.55
N LEU B 70 17.63 32.46 80.85
CA LEU B 70 18.15 31.47 81.78
C LEU B 70 17.35 31.68 83.05
N ALA B 71 16.98 30.60 83.72
CA ALA B 71 16.24 30.73 84.96
C ALA B 71 17.08 30.09 86.04
N SER B 72 16.96 30.60 87.26
CA SER B 72 17.71 30.07 88.38
C SER B 72 16.86 30.18 89.64
N CYS B 73 17.24 29.39 90.65
CA CYS B 73 16.54 29.34 91.92
C CYS B 73 17.59 29.14 92.99
N SER B 74 17.32 29.58 94.22
CA SER B 74 18.29 29.44 95.28
C SER B 74 17.75 29.28 96.69
N TYR B 75 18.63 28.83 97.59
CA TYR B 75 18.32 28.64 98.99
C TYR B 75 17.61 29.88 99.53
N ASP B 76 17.74 30.98 98.80
CA ASP B 76 17.13 32.26 99.18
C ASP B 76 15.63 32.27 98.95
N GLY B 77 15.10 31.16 98.43
CA GLY B 77 13.66 31.06 98.20
C GLY B 77 13.04 31.96 97.15
N LYS B 78 13.77 32.19 96.06
CA LYS B 78 13.29 33.03 94.97
C LYS B 78 13.79 32.48 93.65
N VAL B 79 13.21 32.97 92.56
CA VAL B 79 13.64 32.53 91.24
C VAL B 79 13.87 33.77 90.38
N LEU B 80 15.01 33.80 89.69
CA LEU B 80 15.37 34.92 88.84
C LEU B 80 15.54 34.48 87.41
N ILE B 81 14.92 35.23 86.51
CA ILE B 81 15.02 34.96 85.08
C ILE B 81 16.11 35.92 84.60
N TRP B 82 16.81 35.56 83.53
CA TRP B 82 17.87 36.43 83.03
C TRP B 82 17.81 36.50 81.50
N LYS B 83 18.24 37.63 80.94
CA LYS B 83 18.21 37.84 79.49
C LYS B 83 19.53 38.38 78.95
N GLU B 84 19.80 38.10 77.68
CA GLU B 84 21.02 38.56 77.01
C GLU B 84 20.60 39.33 75.76
N GLU B 85 20.07 40.53 75.98
CA GLU B 85 19.61 41.37 74.89
C GLU B 85 20.66 42.41 74.50
N ASN B 86 21.01 42.45 73.21
CA ASN B 86 22.00 43.38 72.69
C ASN B 86 23.43 43.06 73.07
N GLY B 87 23.62 41.96 73.78
CA GLY B 87 24.98 41.58 74.17
C GLY B 87 25.27 41.65 75.66
N ARG B 88 24.23 41.80 76.48
CA ARG B 88 24.43 41.89 77.93
C ARG B 88 23.26 41.35 78.75
N TRP B 89 23.58 40.54 79.76
CA TRP B 89 22.62 39.91 80.66
C TRP B 89 22.02 40.82 81.74
N SER B 90 20.70 40.74 81.92
CA SER B 90 20.03 41.56 82.93
C SER B 90 18.76 40.91 83.53
N GLN B 91 18.62 40.99 84.85
CA GLN B 91 17.47 40.42 85.55
C GLN B 91 16.16 41.06 85.10
N ILE B 92 15.43 40.34 84.26
CA ILE B 92 14.16 40.86 83.78
C ILE B 92 13.03 40.73 84.79
N ALA B 93 12.81 39.52 85.31
CA ALA B 93 11.75 39.28 86.29
C ALA B 93 12.26 38.56 87.53
N VAL B 94 11.38 38.44 88.52
CA VAL B 94 11.72 37.77 89.76
C VAL B 94 10.47 37.08 90.31
N HIS B 95 10.61 35.78 90.62
CA HIS B 95 9.49 35.01 91.17
C HIS B 95 9.84 34.52 92.56
N ALA B 96 9.02 34.92 93.54
CA ALA B 96 9.24 34.55 94.93
C ALA B 96 7.93 34.46 95.69
N VAL B 97 7.33 33.26 95.71
CA VAL B 97 6.09 33.06 96.42
C VAL B 97 6.25 31.96 97.46
N HIS B 98 7.42 31.35 97.50
CA HIS B 98 7.70 30.28 98.46
C HIS B 98 8.40 30.78 99.72
N SER B 99 8.21 30.06 100.84
CA SER B 99 8.83 30.47 102.07
C SER B 99 10.04 29.63 102.49
N ALA B 100 10.70 28.99 101.52
CA ALA B 100 11.88 28.17 101.83
C ALA B 100 12.65 27.94 100.55
N SER B 101 13.86 27.42 100.65
CA SER B 101 14.68 27.17 99.47
C SER B 101 13.95 26.59 98.25
N VAL B 102 14.18 27.19 97.08
CA VAL B 102 13.60 26.70 95.82
C VAL B 102 14.70 25.77 95.30
N ASN B 103 14.36 24.53 95.00
CA ASN B 103 15.40 23.62 94.60
C ASN B 103 15.45 23.24 93.15
N SER B 104 14.39 23.57 92.43
CA SER B 104 14.38 23.23 91.02
C SER B 104 13.52 24.20 90.27
N VAL B 105 13.85 24.34 89.01
CA VAL B 105 13.13 25.24 88.17
C VAL B 105 13.27 24.61 86.78
N GLN B 106 12.23 24.73 85.97
CA GLN B 106 12.31 24.17 84.64
C GLN B 106 11.29 24.74 83.67
N TRP B 107 11.78 25.07 82.48
CA TRP B 107 10.95 25.65 81.44
C TRP B 107 10.13 24.55 80.80
N ALA B 108 8.84 24.81 80.69
CA ALA B 108 7.91 23.87 80.09
C ALA B 108 8.31 23.67 78.63
N PRO B 109 7.55 22.85 77.89
CA PRO B 109 7.85 22.62 76.47
C PRO B 109 7.51 23.92 75.74
N HIS B 110 8.30 24.32 74.75
CA HIS B 110 8.00 25.58 74.05
C HIS B 110 6.58 25.71 73.51
N GLU B 111 5.84 24.61 73.41
CA GLU B 111 4.48 24.67 72.91
C GLU B 111 3.54 25.34 73.92
N TYR B 112 3.82 25.15 75.21
CA TYR B 112 2.99 25.73 76.26
C TYR B 112 3.23 27.22 76.39
N GLY B 113 4.33 27.68 75.82
CA GLY B 113 4.69 29.09 75.91
C GLY B 113 5.85 29.20 76.88
N PRO B 114 6.12 30.39 77.43
CA PRO B 114 7.24 30.54 78.37
C PRO B 114 6.86 30.27 79.84
N LEU B 115 6.44 29.04 80.14
CA LEU B 115 6.05 28.66 81.50
C LEU B 115 7.23 28.09 82.29
N LEU B 116 7.19 28.27 83.61
CA LEU B 116 8.25 27.79 84.49
C LEU B 116 7.72 26.90 85.61
N LEU B 117 8.35 25.73 85.78
CA LEU B 117 7.96 24.78 86.83
C LEU B 117 8.87 24.93 88.04
N VAL B 118 8.32 25.37 89.17
CA VAL B 118 9.14 25.56 90.37
C VAL B 118 8.71 24.73 91.58
N ALA B 119 9.70 24.13 92.25
CA ALA B 119 9.51 23.29 93.45
C ALA B 119 10.33 23.76 94.66
N SER B 120 9.69 23.83 95.83
CA SER B 120 10.39 24.28 97.04
C SER B 120 10.25 23.47 98.34
N SER B 121 11.28 23.62 99.17
CA SER B 121 11.36 22.97 100.47
C SER B 121 10.18 23.38 101.34
N ASP B 122 9.36 24.30 100.86
CA ASP B 122 8.22 24.72 101.66
C ASP B 122 7.04 23.77 101.37
N GLY B 123 7.32 22.80 100.50
CA GLY B 123 6.31 21.80 100.17
C GLY B 123 5.41 22.14 99.00
N LYS B 124 5.53 23.34 98.46
CA LYS B 124 4.69 23.74 97.36
C LYS B 124 5.37 23.73 96.02
N VAL B 125 4.55 23.79 94.97
CA VAL B 125 5.06 23.86 93.62
C VAL B 125 4.32 25.01 92.93
N SER B 126 5.04 25.78 92.14
CA SER B 126 4.45 26.92 91.45
C SER B 126 4.64 26.84 89.94
N VAL B 127 3.61 27.25 89.22
CA VAL B 127 3.62 27.29 87.76
C VAL B 127 3.54 28.77 87.39
N VAL B 128 4.50 29.25 86.62
CA VAL B 128 4.52 30.67 86.27
C VAL B 128 4.68 31.04 84.80
N GLU B 129 3.82 31.93 84.32
CA GLU B 129 3.89 32.46 82.97
C GLU B 129 4.15 33.95 83.12
N PHE B 130 4.65 34.58 82.07
CA PHE B 130 4.95 35.99 82.14
C PHE B 130 3.98 36.77 81.25
N LYS B 131 2.96 37.35 81.91
CA LYS B 131 1.90 38.13 81.27
C LYS B 131 2.31 38.97 80.06
N GLU B 132 1.32 39.52 79.38
CA GLU B 132 1.54 40.36 78.21
C GLU B 132 2.36 41.59 78.60
N ASN B 133 2.16 42.06 79.83
CA ASN B 133 2.86 43.24 80.35
C ASN B 133 4.19 42.95 81.06
N GLY B 134 4.31 41.76 81.63
CA GLY B 134 5.55 41.40 82.31
C GLY B 134 5.37 40.70 83.66
N THR B 135 4.56 41.29 84.54
CA THR B 135 4.30 40.72 85.86
C THR B 135 3.93 39.23 85.82
N THR B 136 3.73 38.63 86.98
CA THR B 136 3.41 37.20 87.06
C THR B 136 2.23 36.83 87.98
N SER B 137 1.28 36.06 87.43
CA SER B 137 0.10 35.59 88.17
C SER B 137 0.08 34.05 88.11
N PRO B 138 0.89 33.40 88.96
CA PRO B 138 1.05 31.95 89.07
C PRO B 138 -0.02 31.05 89.70
N ILE B 139 0.29 29.75 89.64
CA ILE B 139 -0.52 28.67 90.21
C ILE B 139 0.33 28.11 91.35
N ILE B 140 -0.24 28.02 92.54
CA ILE B 140 0.52 27.50 93.66
C ILE B 140 -0.23 26.32 94.28
N ILE B 141 0.43 25.17 94.35
CA ILE B 141 -0.20 24.00 94.93
C ILE B 141 0.66 23.36 96.02
N ASP B 142 -0.03 22.80 97.02
CA ASP B 142 0.63 22.08 98.10
C ASP B 142 0.81 20.67 97.53
N ALA B 143 2.06 20.31 97.25
CA ALA B 143 2.39 19.03 96.62
C ALA B 143 3.15 17.92 97.37
N HIS B 144 3.68 18.21 98.54
CA HIS B 144 4.45 17.22 99.31
C HIS B 144 4.62 17.68 100.77
N ALA B 145 4.68 16.74 101.69
CA ALA B 145 4.90 17.16 103.06
C ALA B 145 6.45 17.35 103.17
N ILE B 146 6.93 17.92 104.27
CA ILE B 146 8.38 18.10 104.47
C ILE B 146 9.09 19.05 103.48
N GLY B 147 9.01 18.74 102.19
CA GLY B 147 9.64 19.56 101.16
C GLY B 147 9.67 18.92 99.77
N VAL B 148 9.66 19.75 98.72
CA VAL B 148 9.72 19.28 97.32
C VAL B 148 11.12 19.57 96.78
N ASN B 149 11.79 18.58 96.21
CA ASN B 149 13.17 18.73 95.72
C ASN B 149 13.35 18.86 94.22
N SER B 150 12.35 18.40 93.47
CA SER B 150 12.40 18.45 92.02
C SER B 150 11.01 18.45 91.39
N ALA B 151 10.98 18.72 90.10
CA ALA B 151 9.74 18.77 89.33
C ALA B 151 10.15 18.81 87.86
N SER B 152 9.52 17.97 87.05
CA SER B 152 9.82 17.90 85.62
C SER B 152 8.55 17.83 84.82
N TRP B 153 8.59 18.44 83.64
CA TRP B 153 7.46 18.46 82.73
C TRP B 153 7.46 17.22 81.86
N ALA B 154 6.25 16.75 81.55
CA ALA B 154 6.07 15.61 80.67
C ALA B 154 6.16 16.22 79.28
N PRO B 155 6.48 15.42 78.26
CA PRO B 155 6.56 15.99 76.92
C PRO B 155 5.16 16.47 76.58
N ALA B 156 4.98 17.18 75.46
CA ALA B 156 3.64 17.66 75.09
C ALA B 156 2.82 16.58 74.39
N THR B 157 1.49 16.69 74.47
CA THR B 157 0.55 15.74 73.85
C THR B 157 0.98 15.36 72.43
N SER B 170 -4.10 18.27 79.20
CA SER B 170 -3.18 17.39 78.48
C SER B 170 -1.74 17.63 78.91
N ARG B 171 -1.56 18.52 79.88
CA ARG B 171 -0.25 18.86 80.42
C ARG B 171 -0.03 18.18 81.77
N LYS B 172 1.11 17.49 81.89
CA LYS B 172 1.48 16.76 83.10
C LYS B 172 2.93 17.01 83.53
N PHE B 173 3.18 16.86 84.83
CA PHE B 173 4.54 17.01 85.36
C PHE B 173 4.71 16.16 86.62
N VAL B 174 5.92 15.66 86.83
CA VAL B 174 6.19 14.84 88.00
C VAL B 174 7.03 15.58 89.02
N THR B 175 6.68 15.42 90.29
CA THR B 175 7.41 16.05 91.36
C THR B 175 8.02 14.93 92.22
N GLY B 176 8.97 15.31 93.06
CA GLY B 176 9.64 14.36 93.93
C GLY B 176 9.87 15.03 95.26
N GLY B 177 9.16 14.60 96.28
CA GLY B 177 9.32 15.20 97.60
C GLY B 177 10.25 14.49 98.58
N ALA B 178 10.37 15.10 99.75
CA ALA B 178 11.18 14.59 100.83
C ALA B 178 10.30 13.71 101.70
N ASP B 179 9.11 13.38 101.19
CA ASP B 179 8.17 12.53 101.91
C ASP B 179 8.32 11.15 101.30
N ASN B 180 9.41 11.00 100.55
CA ASN B 180 9.78 9.77 99.88
C ASN B 180 8.91 9.44 98.66
N LEU B 181 7.89 10.26 98.43
CA LEU B 181 6.99 10.02 97.32
C LEU B 181 7.35 10.70 95.99
N VAL B 182 6.85 10.10 94.92
CA VAL B 182 6.99 10.60 93.55
C VAL B 182 5.51 10.90 93.17
N LYS B 183 5.24 11.97 92.45
CA LYS B 183 3.84 12.33 92.13
C LYS B 183 3.56 12.92 90.76
N ILE B 184 2.61 12.36 90.03
CA ILE B 184 2.26 12.87 88.70
C ILE B 184 1.15 13.90 88.82
N TRP B 185 1.25 14.99 88.06
CA TRP B 185 0.24 16.02 88.10
C TRP B 185 -0.30 16.32 86.70
N LYS B 186 -1.59 16.61 86.64
CA LYS B 186 -2.26 16.91 85.38
C LYS B 186 -3.12 18.15 85.58
N TYR B 187 -3.19 19.01 84.57
CA TYR B 187 -4.01 20.21 84.68
C TYR B 187 -5.49 19.91 84.47
N ASN B 188 -6.33 20.58 85.26
CA ASN B 188 -7.78 20.37 85.18
C ASN B 188 -8.53 21.70 85.02
N SER B 189 -9.54 21.71 84.15
CA SER B 189 -10.34 22.91 83.89
C SER B 189 -11.28 23.28 85.03
N ASP B 190 -12.10 22.33 85.44
CA ASP B 190 -13.06 22.53 86.53
C ASP B 190 -12.35 22.75 87.86
N ALA B 191 -11.11 23.23 87.78
CA ALA B 191 -10.33 23.49 88.97
C ALA B 191 -9.33 24.62 88.68
N GLN B 192 -9.05 24.83 87.39
CA GLN B 192 -8.12 25.88 87.00
C GLN B 192 -6.78 25.66 87.72
N THR B 193 -6.46 24.39 88.00
CA THR B 193 -5.22 24.04 88.69
C THR B 193 -4.76 22.65 88.32
N TYR B 194 -3.52 22.33 88.69
CA TYR B 194 -2.95 21.01 88.45
C TYR B 194 -3.40 20.11 89.59
N VAL B 195 -4.07 19.02 89.26
CA VAL B 195 -4.55 18.06 90.26
C VAL B 195 -3.72 16.77 90.30
N LEU B 196 -3.61 16.21 91.50
CA LEU B 196 -2.87 14.99 91.76
C LEU B 196 -3.47 13.79 91.05
N GLU B 197 -2.78 13.29 90.02
CA GLU B 197 -3.26 12.14 89.25
C GLU B 197 -2.83 10.80 89.82
N SER B 198 -1.60 10.72 90.31
CA SER B 198 -1.10 9.47 90.89
C SER B 198 0.01 9.69 91.89
N THR B 199 0.03 8.83 92.89
CA THR B 199 1.08 8.88 93.90
C THR B 199 1.83 7.57 93.72
N LEU B 200 3.15 7.65 93.57
CA LEU B 200 3.95 6.45 93.38
C LEU B 200 4.84 6.23 94.58
N GLU B 201 4.62 5.14 95.31
CA GLU B 201 5.42 4.81 96.49
C GLU B 201 6.51 3.85 96.12
N GLY B 202 7.71 4.06 96.65
CA GLY B 202 8.81 3.17 96.30
C GLY B 202 10.18 3.52 96.84
N HIS B 203 10.31 4.68 97.47
CA HIS B 203 11.59 5.06 98.03
C HIS B 203 11.41 5.06 99.54
N SER B 204 12.47 4.76 100.28
CA SER B 204 12.38 4.72 101.75
C SER B 204 13.05 5.95 102.33
N ASP B 205 13.47 6.85 101.46
CA ASP B 205 14.09 8.07 101.92
C ASP B 205 13.86 9.17 100.90
N TRP B 206 14.13 10.40 101.30
CA TRP B 206 13.93 11.56 100.44
C TRP B 206 14.22 11.27 98.97
N VAL B 207 13.37 11.84 98.10
CA VAL B 207 13.51 11.71 96.66
C VAL B 207 14.26 13.00 96.32
N ARG B 208 15.41 12.87 95.66
CA ARG B 208 16.22 14.04 95.33
C ARG B 208 15.93 14.69 93.99
N ASP B 209 15.54 13.88 93.02
CA ASP B 209 15.26 14.39 91.68
C ASP B 209 14.30 13.46 90.92
N VAL B 210 13.63 14.01 89.92
CA VAL B 210 12.71 13.24 89.08
C VAL B 210 12.85 13.76 87.67
N ALA B 211 12.97 12.86 86.71
CA ALA B 211 13.10 13.27 85.33
C ALA B 211 12.10 12.53 84.43
N TRP B 212 11.29 13.27 83.67
CA TRP B 212 10.33 12.63 82.77
C TRP B 212 10.97 12.56 81.41
N SER B 213 11.19 11.35 80.89
CA SER B 213 11.84 11.23 79.59
C SER B 213 11.01 11.83 78.47
N PRO B 214 11.67 12.47 77.51
CA PRO B 214 11.02 13.09 76.36
C PRO B 214 10.77 12.10 75.23
N THR B 215 11.12 10.85 75.46
CA THR B 215 10.91 9.82 74.45
C THR B 215 9.47 9.91 73.93
N VAL B 216 9.31 9.83 72.62
CA VAL B 216 8.00 9.93 71.98
C VAL B 216 7.35 8.57 71.70
N LEU B 217 7.78 7.54 72.41
CA LEU B 217 7.21 6.21 72.23
C LEU B 217 5.95 6.07 73.08
N LEU B 218 5.08 5.14 72.71
CA LEU B 218 3.83 4.88 73.41
C LEU B 218 4.03 4.97 74.93
N ARG B 219 4.99 4.16 75.39
CA ARG B 219 5.35 4.08 76.79
C ARG B 219 6.01 5.35 77.31
N SER B 220 5.62 5.76 78.50
CA SER B 220 6.19 6.93 79.13
C SER B 220 7.23 6.46 80.15
N TYR B 221 8.32 7.21 80.29
CA TYR B 221 9.37 6.85 81.23
C TYR B 221 9.65 7.93 82.24
N LEU B 222 9.72 7.53 83.50
CA LEU B 222 10.04 8.42 84.59
C LEU B 222 11.25 7.78 85.30
N ALA B 223 12.09 8.63 85.87
CA ALA B 223 13.25 8.17 86.60
C ALA B 223 13.34 9.03 87.82
N SER B 224 13.25 8.40 88.99
CA SER B 224 13.36 9.12 90.26
C SER B 224 14.64 8.64 90.96
N VAL B 225 15.32 9.58 91.62
CA VAL B 225 16.56 9.27 92.33
C VAL B 225 16.39 9.61 93.81
N SER B 226 16.96 8.81 94.69
CA SER B 226 16.78 9.03 96.12
C SER B 226 17.94 8.90 97.12
N GLN B 227 17.68 9.45 98.29
CA GLN B 227 18.60 9.45 99.41
C GLN B 227 18.79 8.02 99.87
N ASP B 228 18.00 7.09 99.32
CA ASP B 228 18.09 5.69 99.71
C ASP B 228 19.08 4.88 98.89
N ARG B 229 19.81 5.56 98.01
CA ARG B 229 20.81 4.91 97.18
C ARG B 229 20.25 3.96 96.12
N THR B 230 19.15 4.37 95.49
CA THR B 230 18.50 3.57 94.46
C THR B 230 17.85 4.49 93.44
N CYS B 231 17.75 4.01 92.22
CA CYS B 231 17.10 4.74 91.16
C CYS B 231 15.91 3.87 90.75
N ILE B 232 14.76 4.48 90.51
CA ILE B 232 13.60 3.71 90.05
C ILE B 232 13.11 4.29 88.73
N ILE B 233 12.86 3.40 87.77
CA ILE B 233 12.35 3.84 86.48
C ILE B 233 10.86 3.53 86.51
N TRP B 234 10.02 4.56 86.48
CA TRP B 234 8.59 4.32 86.48
C TRP B 234 8.12 4.34 85.02
N THR B 235 7.29 3.37 84.62
CA THR B 235 6.79 3.34 83.25
C THR B 235 5.29 3.13 83.20
N GLN B 236 4.67 3.66 82.15
CA GLN B 236 3.24 3.55 81.94
C GLN B 236 2.93 3.26 80.48
N ASP B 237 2.49 2.04 80.20
CA ASP B 237 2.17 1.59 78.85
C ASP B 237 1.17 2.47 78.10
N ASN B 238 0.13 2.90 78.80
CA ASN B 238 -0.89 3.76 78.21
C ASN B 238 -1.76 4.24 79.33
N GLU B 239 -2.76 5.05 78.99
CA GLU B 239 -3.66 5.64 79.97
C GLU B 239 -4.33 4.65 80.92
N GLN B 240 -4.61 3.45 80.43
CA GLN B 240 -5.27 2.42 81.25
C GLN B 240 -4.26 1.68 82.13
N GLY B 241 -2.98 1.84 81.81
CA GLY B 241 -1.94 1.19 82.59
C GLY B 241 -1.62 1.95 83.86
N PRO B 242 -1.04 1.29 84.88
CA PRO B 242 -0.69 1.94 86.14
C PRO B 242 0.83 2.21 86.03
N TRP B 243 1.41 2.95 86.96
CA TRP B 243 2.85 3.19 86.88
C TRP B 243 3.61 2.02 87.52
N LYS B 244 4.30 1.25 86.70
CA LYS B 244 5.04 0.10 87.19
C LYS B 244 6.45 0.46 87.67
N LYS B 245 6.80 -0.04 88.86
CA LYS B 245 8.10 0.22 89.48
C LYS B 245 9.16 -0.76 88.98
N THR B 246 10.35 -0.26 88.69
CA THR B 246 11.45 -1.10 88.22
C THR B 246 12.80 -0.54 88.68
N LEU B 247 13.39 -1.12 89.72
CA LEU B 247 14.67 -0.65 90.22
C LEU B 247 15.69 -0.64 89.10
N LEU B 248 16.54 0.39 89.08
CA LEU B 248 17.54 0.47 88.03
C LEU B 248 18.48 -0.73 88.13
N LYS B 249 18.70 -1.21 89.35
CA LYS B 249 19.55 -2.39 89.55
C LYS B 249 19.24 -2.98 90.93
N GLU B 250 19.22 -4.31 90.99
CA GLU B 250 18.90 -5.03 92.22
C GLU B 250 19.68 -4.62 93.47
N GLU B 251 20.97 -4.34 93.32
CA GLU B 251 21.78 -3.92 94.47
C GLU B 251 21.75 -2.41 94.63
N LYS B 252 21.73 -1.95 95.86
CA LYS B 252 21.72 -0.52 96.12
C LYS B 252 23.04 0.02 95.59
N PHE B 253 23.14 1.35 95.48
CA PHE B 253 24.36 1.98 94.99
C PHE B 253 25.25 2.32 96.18
N PRO B 254 26.51 2.71 95.91
CA PRO B 254 27.44 3.06 96.99
C PRO B 254 26.99 4.29 97.76
N ASP B 255 26.64 5.36 97.06
CA ASP B 255 26.20 6.58 97.74
C ASP B 255 24.86 7.10 97.22
N VAL B 256 24.41 8.22 97.79
CA VAL B 256 23.17 8.87 97.44
C VAL B 256 23.10 9.29 95.98
N LEU B 257 22.01 8.95 95.29
CA LEU B 257 21.86 9.38 93.90
C LEU B 257 21.28 10.79 94.01
N TRP B 258 21.84 11.74 93.26
CA TRP B 258 21.36 13.13 93.34
C TRP B 258 20.63 13.68 92.14
N ARG B 259 20.93 13.15 90.97
CA ARG B 259 20.30 13.64 89.75
C ARG B 259 20.00 12.59 88.73
N ALA B 260 19.09 12.91 87.82
CA ALA B 260 18.71 12.02 86.75
C ALA B 260 18.49 12.87 85.53
N SER B 261 19.01 12.43 84.39
CA SER B 261 18.84 13.17 83.14
C SER B 261 18.73 12.23 81.95
N TRP B 262 17.74 12.50 81.10
CA TRP B 262 17.50 11.70 79.91
C TRP B 262 18.10 12.40 78.71
N SER B 263 18.65 11.64 77.78
CA SER B 263 19.20 12.23 76.56
C SER B 263 17.97 12.72 75.79
N LEU B 264 18.18 13.29 74.62
CA LEU B 264 17.05 13.82 73.85
C LEU B 264 16.55 12.76 72.89
N SER B 265 17.41 11.78 72.64
CA SER B 265 17.11 10.69 71.73
C SER B 265 17.76 9.44 72.29
N GLY B 266 17.20 8.28 71.97
CA GLY B 266 17.77 7.04 72.47
C GLY B 266 17.28 6.67 73.84
N ASN B 267 16.68 7.64 74.54
CA ASN B 267 16.16 7.37 75.86
C ASN B 267 17.27 6.68 76.64
N VAL B 268 18.33 7.45 76.91
CA VAL B 268 19.48 6.98 77.67
C VAL B 268 19.52 7.80 78.95
N LEU B 269 19.58 7.13 80.08
CA LEU B 269 19.60 7.83 81.37
C LEU B 269 20.99 8.07 81.95
N ALA B 270 21.22 9.31 82.40
CA ALA B 270 22.48 9.75 83.00
C ALA B 270 22.28 9.95 84.50
N LEU B 271 22.81 9.02 85.30
CA LEU B 271 22.69 9.06 86.75
C LEU B 271 23.91 9.66 87.45
N SER B 272 23.68 10.67 88.29
CA SER B 272 24.74 11.34 89.03
C SER B 272 24.75 10.93 90.50
N GLY B 273 25.73 10.11 90.87
CA GLY B 273 25.84 9.65 92.25
C GLY B 273 26.58 10.57 93.23
N GLY B 274 26.64 10.12 94.47
CA GLY B 274 27.31 10.91 95.50
C GLY B 274 28.79 10.58 95.54
N ASP B 275 29.15 9.41 95.03
CA ASP B 275 30.53 9.00 94.97
C ASP B 275 31.11 9.75 93.78
N ASN B 276 30.51 10.89 93.50
CA ASN B 276 30.86 11.77 92.39
C ASN B 276 31.20 10.97 91.14
N LYS B 277 30.34 10.01 90.83
CA LYS B 277 30.51 9.15 89.67
C LYS B 277 29.23 9.19 88.82
N VAL B 278 29.40 9.18 87.50
CA VAL B 278 28.28 9.22 86.57
C VAL B 278 28.14 7.90 85.79
N THR B 279 27.03 7.21 85.98
CA THR B 279 26.78 5.96 85.29
C THR B 279 25.77 6.23 84.16
N LEU B 280 25.85 5.43 83.10
CA LEU B 280 24.94 5.59 81.96
C LEU B 280 24.15 4.33 81.73
N TRP B 281 22.85 4.48 81.46
CA TRP B 281 22.02 3.30 81.26
C TRP B 281 21.07 3.34 80.07
N LYS B 282 20.71 2.17 79.58
CA LYS B 282 19.79 2.01 78.47
C LYS B 282 18.91 0.80 78.77
N GLU B 283 17.82 0.67 78.05
CA GLU B 283 16.91 -0.44 78.29
C GLU B 283 17.14 -1.54 77.27
N ASN B 284 16.87 -2.80 77.66
CA ASN B 284 17.06 -3.93 76.75
C ASN B 284 15.76 -4.74 76.54
N LEU B 285 15.82 -5.70 75.62
CA LEU B 285 14.69 -6.56 75.30
C LEU B 285 13.84 -6.96 76.49
N GLU B 286 14.50 -7.18 77.62
CA GLU B 286 13.81 -7.61 78.83
C GLU B 286 13.01 -6.54 79.53
N GLY B 287 13.40 -5.29 79.35
CA GLY B 287 12.68 -4.23 80.02
C GLY B 287 13.44 -3.89 81.30
N LYS B 288 14.68 -4.36 81.33
CA LYS B 288 15.57 -4.14 82.46
C LYS B 288 16.75 -3.30 81.97
N TRP B 289 17.26 -2.44 82.83
CA TRP B 289 18.36 -1.59 82.42
C TRP B 289 19.74 -2.20 82.54
N GLU B 290 20.68 -1.61 81.82
CA GLU B 290 22.04 -2.09 81.81
C GLU B 290 22.89 -0.93 81.30
N PRO B 291 24.21 -0.97 81.57
CA PRO B 291 25.19 0.05 81.17
C PRO B 291 25.20 0.29 79.67
N ALA B 292 24.95 1.52 79.25
CA ALA B 292 24.95 1.85 77.83
C ALA B 292 26.34 2.27 77.39
N GLU C 379 -22.17 -12.24 -100.89
CA GLU C 379 -23.54 -12.31 -100.43
C GLU C 379 -23.83 -11.30 -99.32
N PRO C 380 -25.11 -10.88 -99.18
CA PRO C 380 -25.51 -9.92 -98.15
C PRO C 380 -25.59 -10.58 -96.77
N SER C 381 -25.21 -9.84 -95.73
CA SER C 381 -25.25 -10.38 -94.39
C SER C 381 -24.92 -9.37 -93.30
N PRO C 382 -25.64 -9.42 -92.17
CA PRO C 382 -25.41 -8.50 -91.07
C PRO C 382 -23.94 -8.38 -90.65
N ALA C 383 -23.19 -9.47 -90.76
CA ALA C 383 -21.78 -9.50 -90.38
C ALA C 383 -21.55 -8.96 -88.97
N ALA C 384 -22.44 -9.35 -88.06
CA ALA C 384 -22.39 -8.91 -86.66
C ALA C 384 -21.07 -9.14 -85.91
N HIS C 385 -20.78 -8.22 -84.98
CA HIS C 385 -19.59 -8.26 -84.14
C HIS C 385 -19.87 -7.70 -82.75
N TRP C 386 -19.12 -8.16 -81.75
CA TRP C 386 -19.27 -7.65 -80.39
C TRP C 386 -18.04 -6.76 -80.16
N ALA C 387 -18.20 -5.75 -79.33
CA ALA C 387 -17.10 -4.85 -79.05
C ALA C 387 -17.20 -4.41 -77.60
N PHE C 388 -16.07 -3.94 -77.06
CA PHE C 388 -15.99 -3.46 -75.68
C PHE C 388 -17.27 -2.73 -75.26
N GLY C 389 -17.56 -2.74 -73.97
CA GLY C 389 -18.75 -2.05 -73.48
C GLY C 389 -20.03 -2.81 -73.77
N GLY C 390 -19.89 -4.00 -74.36
CA GLY C 390 -21.05 -4.81 -74.68
C GLY C 390 -21.84 -4.22 -75.83
N LYS C 391 -21.14 -3.75 -76.85
CA LYS C 391 -21.78 -3.15 -78.01
C LYS C 391 -21.85 -4.12 -79.18
N LEU C 392 -22.97 -4.07 -79.91
CA LEU C 392 -23.18 -4.93 -81.07
C LEU C 392 -23.21 -4.13 -82.37
N VAL C 393 -22.26 -4.42 -83.25
CA VAL C 393 -22.19 -3.75 -84.54
C VAL C 393 -22.67 -4.69 -85.63
N GLN C 394 -23.55 -4.19 -86.48
CA GLN C 394 -24.09 -4.99 -87.57
C GLN C 394 -24.38 -4.08 -88.76
N ILE C 395 -24.74 -4.69 -89.88
CA ILE C 395 -25.03 -3.95 -91.10
C ILE C 395 -26.52 -3.94 -91.39
N THR C 396 -27.05 -2.76 -91.70
CA THR C 396 -28.47 -2.64 -92.01
C THR C 396 -28.83 -3.49 -93.20
N PRO C 397 -30.10 -3.92 -93.28
CA PRO C 397 -30.63 -4.76 -94.36
C PRO C 397 -30.43 -4.13 -95.73
N ASP C 398 -30.43 -2.80 -95.76
CA ASP C 398 -30.21 -2.09 -97.01
C ASP C 398 -28.80 -2.35 -97.49
N GLY C 399 -28.01 -2.99 -96.64
CA GLY C 399 -26.65 -3.32 -96.98
C GLY C 399 -25.72 -2.12 -97.11
N LYS C 400 -26.18 -0.95 -96.71
CA LYS C 400 -25.36 0.24 -96.82
C LYS C 400 -25.23 1.03 -95.53
N GLY C 401 -25.73 0.48 -94.43
CA GLY C 401 -25.64 1.17 -93.16
C GLY C 401 -25.08 0.33 -92.04
N VAL C 402 -24.44 0.98 -91.07
CA VAL C 402 -23.85 0.35 -89.89
C VAL C 402 -24.69 0.70 -88.66
N SER C 403 -24.95 -0.27 -87.79
CA SER C 403 -25.75 -0.03 -86.59
C SER C 403 -25.15 -0.55 -85.28
N ILE C 404 -24.69 0.35 -84.43
CA ILE C 404 -24.12 -0.05 -83.14
C ILE C 404 -25.19 0.01 -82.06
N THR C 405 -25.23 -0.99 -81.18
CA THR C 405 -26.20 -1.03 -80.10
C THR C 405 -25.70 -1.78 -78.87
N ASN C 406 -26.48 -1.71 -77.80
CA ASN C 406 -26.17 -2.38 -76.55
C ASN C 406 -27.33 -3.28 -76.18
N PRO C 407 -27.39 -4.47 -76.78
CA PRO C 407 -28.42 -5.49 -76.57
C PRO C 407 -28.72 -5.78 -75.10
N LYS C 408 -29.98 -6.10 -74.84
CA LYS C 408 -30.45 -6.43 -73.51
C LYS C 408 -30.24 -7.91 -73.26
N ILE C 409 -29.23 -8.23 -72.45
CA ILE C 409 -28.96 -9.63 -72.14
C ILE C 409 -29.62 -9.98 -70.82
N SER C 410 -30.76 -10.66 -70.91
CA SER C 410 -31.49 -11.07 -69.73
C SER C 410 -30.51 -11.75 -68.78
N GLY C 411 -30.40 -11.21 -67.57
CA GLY C 411 -29.48 -11.77 -66.61
C GLY C 411 -28.35 -10.81 -66.32
N LEU C 412 -28.00 -10.00 -67.31
CA LEU C 412 -26.93 -9.02 -67.13
C LEU C 412 -27.56 -7.64 -67.08
N GLU C 413 -27.27 -6.92 -66.00
CA GLU C 413 -27.80 -5.57 -65.81
C GLU C 413 -26.76 -4.73 -65.08
N SER C 414 -26.52 -3.53 -65.58
CA SER C 414 -25.56 -2.65 -64.94
C SER C 414 -25.96 -2.58 -63.46
N ASN C 415 -24.98 -2.43 -62.58
CA ASN C 415 -25.29 -2.37 -61.15
C ASN C 415 -25.59 -0.93 -60.70
N THR C 416 -26.87 -0.60 -60.67
CA THR C 416 -27.30 0.73 -60.28
C THR C 416 -27.12 0.92 -58.78
N THR C 417 -27.79 0.07 -58.02
CA THR C 417 -27.73 0.10 -56.56
C THR C 417 -26.32 0.41 -56.06
N LEU C 418 -25.34 -0.31 -56.60
CA LEU C 418 -23.95 -0.11 -56.21
C LEU C 418 -23.45 1.27 -56.61
N SER C 419 -23.75 1.67 -57.84
CA SER C 419 -23.33 2.97 -58.34
C SER C 419 -23.96 4.10 -57.54
N GLU C 420 -25.25 3.95 -57.24
CA GLU C 420 -26.02 4.94 -56.51
C GLU C 420 -25.74 4.96 -55.01
N ALA C 421 -25.42 3.81 -54.44
CA ALA C 421 -25.12 3.75 -53.02
C ALA C 421 -23.68 4.19 -52.78
N LEU C 422 -22.80 3.90 -53.74
CA LEU C 422 -21.40 4.26 -53.65
C LEU C 422 -21.22 5.77 -53.72
N LYS C 423 -22.23 6.46 -54.24
CA LYS C 423 -22.21 7.91 -54.35
C LYS C 423 -22.93 8.55 -53.17
N THR C 424 -24.13 8.05 -52.88
CA THR C 424 -24.95 8.56 -51.78
C THR C 424 -24.59 7.86 -50.49
N LYS C 425 -23.51 7.07 -50.55
CA LYS C 425 -23.01 6.31 -49.41
C LYS C 425 -24.06 5.83 -48.41
N ASP C 426 -25.23 5.46 -48.94
CA ASP C 426 -26.32 4.94 -48.13
C ASP C 426 -26.59 3.54 -48.65
N PHE C 427 -25.99 2.55 -48.01
CA PHE C 427 -26.15 1.18 -48.46
C PHE C 427 -27.38 0.51 -47.85
N LYS C 428 -28.28 1.31 -47.28
CA LYS C 428 -29.50 0.78 -46.68
C LYS C 428 -30.20 -0.11 -47.71
N PRO C 429 -30.45 0.43 -48.91
CA PRO C 429 -31.10 -0.35 -49.96
C PRO C 429 -30.28 -1.56 -50.39
N LEU C 430 -29.01 -1.32 -50.72
CA LEU C 430 -28.11 -2.40 -51.15
C LEU C 430 -28.10 -3.50 -50.10
N ILE C 431 -27.90 -3.10 -48.85
CA ILE C 431 -27.87 -4.08 -47.76
C ILE C 431 -29.21 -4.80 -47.69
N ASN C 432 -30.29 -4.04 -47.83
CA ASN C 432 -31.64 -4.59 -47.78
C ASN C 432 -31.89 -5.55 -48.95
N GLN C 433 -31.17 -5.35 -50.05
CA GLN C 433 -31.30 -6.22 -51.22
C GLN C 433 -30.62 -7.55 -50.97
N ARG C 434 -29.33 -7.51 -50.60
CA ARG C 434 -28.56 -8.71 -50.33
C ARG C 434 -29.17 -9.53 -49.20
N LEU C 435 -29.64 -8.83 -48.18
CA LEU C 435 -30.26 -9.48 -47.03
C LEU C 435 -31.51 -10.26 -47.44
N VAL C 436 -32.37 -9.62 -48.22
CA VAL C 436 -33.61 -10.25 -48.69
C VAL C 436 -33.41 -11.36 -49.71
N LYS C 437 -32.21 -11.46 -50.27
CA LYS C 437 -31.92 -12.51 -51.26
C LYS C 437 -30.60 -13.24 -50.96
N VAL C 438 -30.23 -13.28 -49.68
CA VAL C 438 -29.00 -13.93 -49.25
C VAL C 438 -28.97 -15.42 -49.61
N ILE C 439 -27.79 -16.01 -49.56
CA ILE C 439 -27.64 -17.42 -49.88
C ILE C 439 -27.60 -18.32 -48.64
N ASP C 440 -26.43 -18.84 -48.29
CA ASP C 440 -26.31 -19.71 -47.12
C ASP C 440 -26.37 -18.95 -45.80
N ASP C 441 -26.59 -19.69 -44.71
CA ASP C 441 -26.70 -19.12 -43.36
C ASP C 441 -25.57 -18.16 -42.95
N VAL C 442 -24.32 -18.56 -43.17
CA VAL C 442 -23.17 -17.72 -42.82
C VAL C 442 -23.27 -16.36 -43.48
N ASN C 443 -23.51 -16.38 -44.80
CA ASN C 443 -23.63 -15.16 -45.58
C ASN C 443 -24.63 -14.22 -44.91
N GLU C 444 -25.72 -14.78 -44.39
CA GLU C 444 -26.75 -13.96 -43.75
C GLU C 444 -26.21 -13.17 -42.56
N GLU C 445 -25.32 -13.78 -41.78
CA GLU C 445 -24.75 -13.12 -40.62
C GLU C 445 -23.97 -11.88 -41.06
N ASP C 446 -23.11 -12.07 -42.05
CA ASP C 446 -22.31 -10.97 -42.56
C ASP C 446 -23.18 -9.79 -42.99
N TRP C 447 -24.21 -10.06 -43.76
CA TRP C 447 -25.06 -8.96 -44.19
C TRP C 447 -25.84 -8.38 -43.02
N ASN C 448 -26.17 -9.21 -42.03
CA ASN C 448 -26.88 -8.72 -40.86
C ASN C 448 -25.88 -7.89 -40.07
N LEU C 449 -24.66 -8.39 -39.96
CA LEU C 449 -23.59 -7.68 -39.27
C LEU C 449 -23.50 -6.31 -39.91
N LEU C 450 -23.74 -6.27 -41.22
CA LEU C 450 -23.70 -5.02 -41.96
C LEU C 450 -25.03 -4.28 -41.91
N GLU C 451 -26.12 -5.01 -41.70
CA GLU C 451 -27.43 -4.37 -41.64
C GLU C 451 -27.54 -3.51 -40.39
N LYS C 452 -27.05 -4.05 -39.28
CA LYS C 452 -27.10 -3.33 -38.01
C LYS C 452 -25.97 -2.33 -37.93
N LEU C 453 -24.83 -2.65 -38.52
CA LEU C 453 -23.68 -1.75 -38.52
C LEU C 453 -24.13 -0.51 -39.28
N SER C 454 -25.08 -0.72 -40.19
CA SER C 454 -25.65 0.35 -41.01
C SER C 454 -26.34 1.42 -40.16
N MET C 455 -27.26 0.98 -39.30
CA MET C 455 -28.01 1.90 -38.45
C MET C 455 -27.22 2.49 -37.29
N ASP C 456 -26.78 1.63 -36.39
CA ASP C 456 -26.04 2.02 -35.19
C ASP C 456 -24.72 2.75 -35.42
N GLY C 457 -24.06 2.50 -36.55
CA GLY C 457 -22.81 3.16 -36.81
C GLY C 457 -21.67 2.33 -36.27
N THR C 458 -20.47 2.54 -36.78
CA THR C 458 -19.32 1.75 -36.36
C THR C 458 -19.04 1.84 -34.85
N GLU C 459 -18.76 3.03 -34.34
CA GLU C 459 -18.47 3.21 -32.92
C GLU C 459 -19.51 2.59 -32.01
N GLU C 460 -20.75 3.04 -32.13
CA GLU C 460 -21.85 2.52 -31.31
C GLU C 460 -22.00 1.01 -31.41
N PHE C 461 -21.62 0.45 -32.55
CA PHE C 461 -21.71 -0.99 -32.74
C PHE C 461 -20.70 -1.70 -31.85
N LEU C 462 -19.42 -1.35 -31.99
CA LEU C 462 -18.37 -1.97 -31.21
C LEU C 462 -18.60 -1.87 -29.69
N LYS C 463 -19.53 -1.00 -29.29
CA LYS C 463 -19.87 -0.83 -27.88
C LYS C 463 -20.72 -2.02 -27.44
N GLU C 464 -21.95 -2.05 -27.96
CA GLU C 464 -22.90 -3.10 -27.64
C GLU C 464 -22.32 -4.48 -27.94
N ALA C 465 -21.20 -4.52 -28.67
CA ALA C 465 -20.58 -5.79 -29.04
C ALA C 465 -19.42 -6.24 -28.16
N LEU C 466 -18.86 -5.32 -27.39
CA LEU C 466 -17.73 -5.66 -26.53
C LEU C 466 -17.95 -5.44 -25.02
N ALA C 467 -19.16 -5.09 -24.63
CA ALA C 467 -19.47 -4.89 -23.22
C ALA C 467 -19.82 -6.25 -22.63
N PHE C 468 -20.62 -6.25 -21.57
CA PHE C 468 -21.05 -7.50 -20.94
C PHE C 468 -22.57 -7.55 -20.80
N ASP C 469 -23.09 -8.68 -20.33
CA ASP C 469 -24.52 -8.87 -20.16
C ASP C 469 -25.20 -7.61 -19.62
N GLU C 495 -17.72 -7.32 5.88
CA GLU C 495 -18.12 -7.04 7.25
C GLU C 495 -16.96 -6.50 8.08
N THR C 496 -17.17 -5.33 8.67
CA THR C 496 -16.17 -4.66 9.50
C THR C 496 -16.63 -4.57 10.96
N ASN C 497 -15.67 -4.31 11.87
CA ASN C 497 -15.91 -4.16 13.31
C ASN C 497 -14.86 -4.86 14.16
N PHE C 498 -15.26 -5.97 14.80
CA PHE C 498 -14.37 -6.73 15.68
C PHE C 498 -14.00 -5.98 16.96
N GLN C 499 -14.41 -6.54 18.10
CA GLN C 499 -14.11 -5.96 19.39
C GLN C 499 -13.37 -7.01 20.20
N PRO C 500 -12.12 -6.73 20.59
CA PRO C 500 -11.37 -7.71 21.38
C PRO C 500 -12.08 -7.96 22.70
N GLU C 501 -11.78 -9.10 23.31
CA GLU C 501 -12.40 -9.49 24.59
C GLU C 501 -11.57 -10.50 25.36
N GLY C 502 -11.57 -10.35 26.67
CA GLY C 502 -10.85 -11.29 27.53
C GLY C 502 -9.36 -11.43 27.38
N ASP C 503 -8.79 -12.30 28.22
CA ASP C 503 -7.37 -12.56 28.24
C ASP C 503 -6.94 -13.32 27.01
N PHE C 504 -5.67 -13.21 26.66
CA PHE C 504 -5.11 -13.93 25.52
C PHE C 504 -3.60 -13.90 25.69
N SER C 505 -2.86 -14.58 24.83
CA SER C 505 -1.41 -14.54 25.00
C SER C 505 -0.63 -15.04 23.81
N LEU C 506 0.57 -14.51 23.65
CA LEU C 506 1.41 -14.89 22.54
C LEU C 506 1.88 -16.31 22.75
N SER C 507 1.23 -17.22 22.03
CA SER C 507 1.54 -18.64 22.09
C SER C 507 2.48 -19.00 20.95
N GLY C 508 3.62 -19.61 21.27
CA GLY C 508 4.56 -19.99 20.25
C GLY C 508 5.66 -18.98 20.02
N ASN C 509 6.74 -19.43 19.38
CA ASN C 509 7.89 -18.57 19.10
C ASN C 509 7.58 -17.66 17.92
N ILE C 510 6.97 -18.24 16.89
CA ILE C 510 6.61 -17.50 15.68
C ILE C 510 5.87 -16.21 16.02
N GLU C 511 4.70 -16.35 16.63
CA GLU C 511 3.92 -15.18 17.00
C GLU C 511 4.77 -14.16 17.76
N GLN C 512 5.38 -14.61 18.85
CA GLN C 512 6.19 -13.72 19.67
C GLN C 512 7.25 -12.96 18.91
N THR C 513 7.95 -13.64 18.02
CA THR C 513 8.99 -12.99 17.24
C THR C 513 8.42 -11.88 16.35
N ILE C 514 7.34 -12.19 15.63
CA ILE C 514 6.71 -11.21 14.75
C ILE C 514 6.14 -10.03 15.54
N SER C 515 5.48 -10.32 16.65
CA SER C 515 4.91 -9.28 17.50
C SER C 515 6.01 -8.32 17.95
N LYS C 516 7.08 -8.87 18.52
CA LYS C 516 8.18 -8.03 18.97
C LYS C 516 8.63 -7.12 17.83
N ASN C 517 8.82 -7.69 16.64
CA ASN C 517 9.23 -6.91 15.47
C ASN C 517 8.35 -5.68 15.33
N LEU C 518 7.05 -5.92 15.16
CA LEU C 518 6.09 -4.85 15.00
C LEU C 518 6.37 -3.70 15.97
N VAL C 519 5.95 -3.86 17.21
CA VAL C 519 6.14 -2.84 18.24
C VAL C 519 7.51 -2.15 18.15
N SER C 520 8.56 -2.95 18.00
CA SER C 520 9.90 -2.40 17.88
C SER C 520 10.04 -1.62 16.57
N GLY C 521 8.91 -1.07 16.10
CA GLY C 521 8.88 -0.30 14.87
C GLY C 521 9.61 -0.91 13.68
N ASN C 522 9.93 -2.19 13.77
CA ASN C 522 10.66 -2.87 12.71
C ASN C 522 9.75 -3.57 11.69
N ILE C 523 8.86 -2.79 11.09
CA ILE C 523 7.90 -3.30 10.11
C ILE C 523 8.49 -4.17 9.01
N LYS C 524 9.76 -3.98 8.70
CA LYS C 524 10.39 -4.78 7.65
C LYS C 524 10.60 -6.23 8.05
N SER C 525 11.23 -6.46 9.19
CA SER C 525 11.52 -7.82 9.64
C SER C 525 10.26 -8.64 9.89
N ALA C 526 9.23 -7.98 10.41
CA ALA C 526 7.96 -8.63 10.69
C ALA C 526 7.49 -9.44 9.48
N VAL C 527 7.61 -8.86 8.30
CA VAL C 527 7.19 -9.51 7.07
C VAL C 527 8.11 -10.67 6.71
N LYS C 528 9.41 -10.48 6.89
CA LYS C 528 10.36 -11.54 6.59
C LYS C 528 10.04 -12.76 7.42
N ASN C 529 9.89 -12.53 8.73
CA ASN C 529 9.58 -13.60 9.66
C ASN C 529 8.24 -14.22 9.33
N SER C 530 7.35 -13.40 8.76
CA SER C 530 6.03 -13.88 8.39
C SER C 530 6.13 -14.84 7.20
N LEU C 531 6.71 -14.36 6.10
CA LEU C 531 6.85 -15.16 4.89
C LEU C 531 7.58 -16.47 5.13
N GLU C 532 8.61 -16.44 5.98
CA GLU C 532 9.37 -17.64 6.28
C GLU C 532 8.58 -18.56 7.20
N ASN C 533 7.26 -18.46 7.08
CA ASN C 533 6.30 -19.26 7.84
C ASN C 533 5.08 -19.13 6.95
N ASP C 534 4.05 -19.93 7.17
CA ASP C 534 2.89 -19.80 6.33
C ASP C 534 1.92 -18.76 6.90
N LEU C 535 2.49 -17.63 7.30
CA LEU C 535 1.71 -16.52 7.84
C LEU C 535 1.69 -15.43 6.78
N LEU C 536 1.32 -15.83 5.57
CA LEU C 536 1.23 -14.93 4.43
C LEU C 536 0.11 -13.93 4.62
N MET C 537 -1.05 -14.40 5.06
CA MET C 537 -2.19 -13.54 5.32
C MET C 537 -1.73 -12.34 6.13
N GLU C 538 -0.97 -12.62 7.18
CA GLU C 538 -0.47 -11.58 8.06
C GLU C 538 0.57 -10.73 7.33
N ALA C 539 1.58 -11.40 6.76
CA ALA C 539 2.61 -10.70 6.03
C ALA C 539 1.95 -9.65 5.16
N MET C 540 0.87 -10.05 4.50
CA MET C 540 0.13 -9.14 3.63
C MET C 540 -0.50 -8.00 4.41
N VAL C 541 -1.08 -8.29 5.58
CA VAL C 541 -1.71 -7.27 6.40
C VAL C 541 -0.73 -6.19 6.85
N ILE C 542 0.46 -6.62 7.25
CA ILE C 542 1.48 -5.66 7.69
C ILE C 542 1.81 -4.74 6.51
N ALA C 543 2.13 -5.36 5.37
CA ALA C 543 2.49 -4.63 4.15
C ALA C 543 1.40 -3.68 3.65
N LEU C 544 0.15 -4.03 3.92
CA LEU C 544 -0.96 -3.21 3.49
C LEU C 544 -1.05 -1.98 4.39
N ASP C 545 0.02 -1.74 5.15
CA ASP C 545 0.06 -0.62 6.09
C ASP C 545 1.25 0.33 5.87
N SER C 546 2.31 -0.18 5.26
CA SER C 546 3.49 0.63 5.00
C SER C 546 3.41 1.31 3.64
N ASN C 547 4.46 2.06 3.30
CA ASN C 547 4.55 2.77 2.03
C ASN C 547 5.63 2.08 1.22
N ASN C 548 6.62 1.52 1.91
CA ASN C 548 7.73 0.84 1.26
C ASN C 548 7.27 -0.10 0.15
N GLU C 549 7.45 0.33 -1.10
CA GLU C 549 7.05 -0.44 -2.26
C GLU C 549 7.70 -1.82 -2.41
N ARG C 550 9.02 -1.88 -2.38
CA ARG C 550 9.74 -3.14 -2.54
C ARG C 550 9.27 -4.20 -1.55
N LEU C 551 8.92 -3.75 -0.35
CA LEU C 551 8.42 -4.65 0.65
C LEU C 551 6.95 -4.87 0.33
N LYS C 552 6.25 -3.76 0.07
CA LYS C 552 4.84 -3.76 -0.28
C LYS C 552 4.63 -4.58 -1.54
N GLU C 553 5.72 -5.17 -2.07
CA GLU C 553 5.65 -5.98 -3.27
C GLU C 553 6.34 -7.33 -3.13
N SER C 554 7.22 -7.45 -2.15
CA SER C 554 7.92 -8.70 -1.92
C SER C 554 6.95 -9.79 -1.53
N VAL C 555 5.76 -9.40 -1.10
CA VAL C 555 4.73 -10.34 -0.69
C VAL C 555 3.85 -10.79 -1.86
N LYS C 556 3.48 -9.86 -2.73
CA LYS C 556 2.65 -10.21 -3.89
C LYS C 556 3.36 -11.36 -4.60
N ASN C 557 4.58 -11.09 -5.02
CA ASN C 557 5.40 -12.09 -5.72
C ASN C 557 5.53 -13.35 -4.89
N ALA C 558 5.12 -13.27 -3.62
CA ALA C 558 5.17 -14.41 -2.71
C ALA C 558 3.83 -15.16 -2.71
N TYR C 559 2.76 -14.42 -2.92
CA TYR C 559 1.42 -14.99 -3.00
C TYR C 559 1.33 -15.81 -4.28
N PHE C 560 1.56 -15.13 -5.39
CA PHE C 560 1.51 -15.76 -6.71
C PHE C 560 2.43 -16.97 -6.71
N ALA C 561 3.64 -16.78 -6.21
CA ALA C 561 4.64 -17.84 -6.15
C ALA C 561 4.07 -19.23 -5.86
N LYS C 562 2.98 -19.30 -5.09
CA LYS C 562 2.40 -20.60 -4.76
C LYS C 562 0.87 -20.69 -4.90
N TYR C 563 0.27 -19.77 -5.65
CA TYR C 563 -1.16 -19.80 -5.82
C TYR C 563 -1.64 -19.50 -7.23
N GLY C 564 -0.92 -18.64 -7.93
CA GLY C 564 -1.29 -18.29 -9.29
C GLY C 564 -1.44 -19.50 -10.21
N SER C 565 -1.10 -20.68 -9.68
CA SER C 565 -1.19 -21.91 -10.46
C SER C 565 -2.35 -22.82 -10.02
N LYS C 566 -2.92 -22.53 -8.86
CA LYS C 566 -4.01 -23.35 -8.35
C LYS C 566 -5.32 -22.59 -8.41
N SER C 567 -5.30 -21.42 -9.04
CA SER C 567 -6.50 -20.58 -9.14
C SER C 567 -6.46 -19.69 -10.38
N SER C 568 -7.49 -19.81 -11.22
CA SER C 568 -7.59 -19.01 -12.44
C SER C 568 -7.62 -17.52 -12.13
N LEU C 569 -8.34 -17.16 -11.06
CA LEU C 569 -8.42 -15.76 -10.68
C LEU C 569 -7.06 -15.28 -10.16
N SER C 570 -6.27 -16.22 -9.64
CA SER C 570 -4.95 -15.88 -9.13
C SER C 570 -4.05 -15.53 -10.31
N ARG C 571 -4.09 -16.37 -11.34
CA ARG C 571 -3.30 -16.14 -12.55
C ARG C 571 -3.72 -14.85 -13.24
N ILE C 572 -5.01 -14.51 -13.19
CA ILE C 572 -5.50 -13.27 -13.81
C ILE C 572 -4.95 -12.09 -13.01
N LEU C 573 -5.01 -12.16 -11.68
CA LEU C 573 -4.49 -11.09 -10.84
C LEU C 573 -3.02 -10.88 -11.18
N TYR C 574 -2.28 -11.98 -11.21
CA TYR C 574 -0.86 -11.95 -11.53
C TYR C 574 -0.59 -11.09 -12.75
N SER C 575 -1.51 -11.15 -13.71
CA SER C 575 -1.37 -10.37 -14.93
C SER C 575 -1.81 -8.92 -14.74
N ILE C 576 -2.94 -8.70 -14.09
CA ILE C 576 -3.42 -7.34 -13.86
C ILE C 576 -2.36 -6.60 -13.06
N SER C 577 -1.79 -7.31 -12.09
CA SER C 577 -0.77 -6.77 -11.23
C SER C 577 0.41 -6.30 -12.06
N LYS C 578 1.05 -7.24 -12.75
CA LYS C 578 2.23 -6.95 -13.55
C LYS C 578 1.97 -6.24 -14.89
N ARG C 579 0.86 -5.51 -14.99
CA ARG C 579 0.49 -4.77 -16.20
C ARG C 579 0.81 -5.49 -17.51
N GLU C 580 0.16 -6.63 -17.75
CA GLU C 580 0.37 -7.41 -18.97
C GLU C 580 -0.88 -8.15 -19.40
N VAL C 581 -0.86 -8.60 -20.67
CA VAL C 581 -1.98 -9.33 -21.24
C VAL C 581 -1.52 -10.57 -22.00
N ASP C 582 -0.25 -10.58 -22.42
CA ASP C 582 0.32 -11.72 -23.16
C ASP C 582 -0.21 -13.07 -22.69
N ASP C 583 -0.30 -13.25 -21.37
CA ASP C 583 -0.77 -14.51 -20.78
C ASP C 583 -2.23 -14.83 -21.08
N LEU C 584 -3.12 -13.88 -20.82
CA LEU C 584 -4.53 -14.08 -21.07
C LEU C 584 -4.76 -14.27 -22.56
N VAL C 585 -4.30 -13.30 -23.33
CA VAL C 585 -4.43 -13.30 -24.78
C VAL C 585 -4.00 -14.62 -25.44
N GLU C 586 -3.09 -15.34 -24.82
CA GLU C 586 -2.59 -16.57 -25.40
C GLU C 586 -3.02 -17.89 -24.74
N ASN C 587 -3.59 -17.83 -23.54
CA ASN C 587 -3.99 -19.07 -22.87
C ASN C 587 -5.38 -19.05 -22.22
N LEU C 588 -5.88 -17.87 -21.87
CA LEU C 588 -7.21 -17.81 -21.25
C LEU C 588 -8.21 -18.29 -22.29
N ASP C 589 -9.14 -19.14 -21.86
CA ASP C 589 -10.12 -19.69 -22.76
C ASP C 589 -10.84 -18.69 -23.66
N VAL C 590 -10.78 -18.98 -24.95
CA VAL C 590 -11.40 -18.17 -26.00
C VAL C 590 -12.84 -17.76 -25.73
N SER C 591 -13.51 -18.55 -24.90
CA SER C 591 -14.90 -18.30 -24.55
C SER C 591 -15.04 -17.02 -23.76
N GLN C 592 -14.01 -16.67 -23.02
CA GLN C 592 -14.03 -15.45 -22.20
C GLN C 592 -13.25 -14.37 -22.95
N TRP C 593 -13.39 -14.32 -24.27
CA TRP C 593 -12.68 -13.32 -25.05
C TRP C 593 -13.11 -11.90 -24.72
N LYS C 594 -14.41 -11.65 -24.58
CA LYS C 594 -14.89 -10.30 -24.28
C LYS C 594 -14.19 -9.74 -23.06
N PHE C 595 -13.39 -10.60 -22.42
CA PHE C 595 -12.65 -10.20 -21.24
C PHE C 595 -11.22 -9.83 -21.66
N ILE C 596 -10.56 -10.74 -22.38
CA ILE C 596 -9.20 -10.50 -22.87
C ILE C 596 -9.29 -9.23 -23.73
N SER C 597 -10.50 -8.92 -24.12
CA SER C 597 -10.78 -7.75 -24.93
C SER C 597 -10.67 -6.51 -24.06
N LYS C 598 -11.27 -6.56 -22.87
CA LYS C 598 -11.24 -5.43 -21.94
C LYS C 598 -9.85 -5.24 -21.32
N ALA C 599 -9.07 -6.30 -21.31
CA ALA C 599 -7.72 -6.24 -20.72
C ALA C 599 -6.73 -5.59 -21.69
N ILE C 600 -7.17 -5.36 -22.92
CA ILE C 600 -6.32 -4.75 -23.90
C ILE C 600 -6.63 -3.25 -23.91
N GLN C 601 -7.92 -2.93 -23.89
CA GLN C 601 -8.38 -1.55 -23.88
C GLN C 601 -8.02 -0.92 -22.53
N ASN C 602 -7.85 -1.76 -21.52
CA ASN C 602 -7.53 -1.33 -20.16
C ASN C 602 -6.05 -1.04 -19.93
N LEU C 603 -5.19 -1.94 -20.40
CA LEU C 603 -3.75 -1.78 -20.22
C LEU C 603 -3.07 -0.87 -21.23
N TYR C 604 -3.66 -0.76 -22.43
CA TYR C 604 -3.09 0.08 -23.49
C TYR C 604 -4.06 1.17 -23.95
N PRO C 605 -4.66 1.91 -23.00
CA PRO C 605 -5.60 2.97 -23.38
C PRO C 605 -5.03 4.19 -24.13
N ASN C 606 -3.71 4.33 -24.15
CA ASN C 606 -3.08 5.46 -24.84
C ASN C 606 -1.94 5.04 -25.78
N ASP C 607 -2.00 3.80 -26.23
CA ASP C 607 -1.01 3.26 -27.15
C ASP C 607 -1.75 2.37 -28.14
N ILE C 608 -2.32 3.02 -29.15
CA ILE C 608 -3.11 2.36 -30.20
C ILE C 608 -2.41 1.29 -31.03
N ALA C 609 -1.15 1.52 -31.39
CA ALA C 609 -0.44 0.56 -32.20
C ALA C 609 -0.40 -0.80 -31.51
N GLN C 610 -0.11 -0.76 -30.21
CA GLN C 610 -0.05 -1.97 -29.39
C GLN C 610 -1.46 -2.52 -29.15
N ARG C 611 -2.39 -1.62 -28.88
CA ARG C 611 -3.77 -1.98 -28.62
C ARG C 611 -4.31 -2.82 -29.75
N ASN C 612 -3.96 -2.43 -30.97
CA ASN C 612 -4.43 -3.14 -32.14
C ASN C 612 -3.58 -4.36 -32.49
N GLU C 613 -2.31 -4.36 -32.09
CA GLU C 613 -1.50 -5.53 -32.40
C GLU C 613 -2.03 -6.69 -31.57
N MET C 614 -2.47 -6.38 -30.35
CA MET C 614 -3.01 -7.39 -29.44
C MET C 614 -4.42 -7.79 -29.87
N LEU C 615 -5.29 -6.82 -30.11
CA LEU C 615 -6.65 -7.14 -30.55
C LEU C 615 -6.59 -8.10 -31.73
N ILE C 616 -5.64 -7.86 -32.64
CA ILE C 616 -5.45 -8.70 -33.83
C ILE C 616 -5.03 -10.09 -33.39
N LYS C 617 -3.97 -10.16 -32.59
CA LYS C 617 -3.45 -11.43 -32.10
C LYS C 617 -4.58 -12.28 -31.53
N LEU C 618 -5.61 -11.63 -31.01
CA LEU C 618 -6.74 -12.35 -30.44
C LEU C 618 -7.70 -12.81 -31.54
N GLY C 619 -8.06 -11.88 -32.42
CA GLY C 619 -8.97 -12.21 -33.50
C GLY C 619 -8.52 -13.49 -34.20
N ASP C 620 -7.23 -13.56 -34.51
CA ASP C 620 -6.68 -14.73 -35.19
C ASP C 620 -6.99 -15.98 -34.38
N ARG C 621 -6.83 -15.87 -33.07
CA ARG C 621 -7.08 -17.01 -32.19
C ARG C 621 -8.56 -17.40 -32.18
N LEU C 622 -9.45 -16.42 -32.12
CA LEU C 622 -10.88 -16.68 -32.16
C LEU C 622 -11.25 -17.43 -33.44
N LYS C 623 -11.05 -16.76 -34.57
CA LYS C 623 -11.36 -17.33 -35.87
C LYS C 623 -10.78 -18.72 -36.07
N GLU C 624 -9.61 -18.96 -35.48
CA GLU C 624 -8.96 -20.25 -35.61
C GLU C 624 -9.46 -21.26 -34.58
N ASN C 625 -10.38 -20.83 -33.72
CA ASN C 625 -10.95 -21.69 -32.71
C ASN C 625 -12.47 -21.52 -32.64
N GLY C 626 -13.10 -21.62 -33.80
CA GLY C 626 -14.54 -21.53 -33.89
C GLY C 626 -15.26 -20.22 -33.66
N HIS C 627 -14.55 -19.15 -33.32
CA HIS C 627 -15.23 -17.87 -33.14
C HIS C 627 -14.97 -17.00 -34.34
N ARG C 628 -15.70 -17.29 -35.40
CA ARG C 628 -15.60 -16.58 -36.66
C ARG C 628 -16.26 -15.22 -36.53
N GLN C 629 -17.57 -15.22 -36.28
CA GLN C 629 -18.32 -13.98 -36.14
C GLN C 629 -17.63 -13.00 -35.19
N ASP C 630 -17.11 -13.50 -34.09
CA ASP C 630 -16.44 -12.65 -33.11
C ASP C 630 -15.08 -12.12 -33.53
N SER C 631 -14.26 -12.95 -34.18
CA SER C 631 -12.95 -12.49 -34.62
C SER C 631 -13.12 -11.31 -35.57
N LEU C 632 -14.25 -11.26 -36.27
CA LEU C 632 -14.51 -10.16 -37.20
C LEU C 632 -14.76 -8.90 -36.40
N THR C 633 -15.47 -9.03 -35.29
CA THR C 633 -15.76 -7.88 -34.44
C THR C 633 -14.45 -7.28 -33.92
N LEU C 634 -13.55 -8.14 -33.45
CA LEU C 634 -12.27 -7.67 -32.94
C LEU C 634 -11.48 -7.00 -34.06
N TYR C 635 -11.48 -7.60 -35.24
CA TYR C 635 -10.78 -7.05 -36.40
C TYR C 635 -11.38 -5.67 -36.74
N LEU C 636 -12.71 -5.58 -36.75
CA LEU C 636 -13.41 -4.34 -37.06
C LEU C 636 -12.97 -3.22 -36.13
N ALA C 637 -12.48 -3.59 -34.96
CA ALA C 637 -12.03 -2.62 -33.97
C ALA C 637 -10.52 -2.40 -34.04
N ALA C 638 -9.81 -3.32 -34.66
CA ALA C 638 -8.36 -3.18 -34.78
C ALA C 638 -8.06 -2.49 -36.10
N GLY C 639 -9.08 -2.28 -36.91
CA GLY C 639 -8.88 -1.63 -38.19
C GLY C 639 -8.03 -2.45 -39.13
N SER C 640 -8.23 -3.77 -39.14
CA SER C 640 -7.48 -4.66 -40.01
C SER C 640 -8.34 -5.26 -41.11
N LEU C 641 -8.68 -4.45 -42.10
CA LEU C 641 -9.49 -4.88 -43.22
C LEU C 641 -8.81 -6.08 -43.89
N ASP C 642 -7.48 -6.12 -43.85
CA ASP C 642 -6.71 -7.19 -44.46
C ASP C 642 -7.09 -8.57 -43.94
N LYS C 643 -7.27 -8.68 -42.63
CA LYS C 643 -7.64 -9.95 -42.02
C LYS C 643 -9.02 -10.38 -42.48
N VAL C 644 -9.97 -9.43 -42.48
CA VAL C 644 -11.34 -9.73 -42.91
C VAL C 644 -11.36 -10.07 -44.39
N ALA C 645 -10.50 -9.41 -45.15
CA ALA C 645 -10.42 -9.67 -46.58
C ALA C 645 -9.91 -11.08 -46.80
N SER C 646 -8.79 -11.40 -46.16
CA SER C 646 -8.21 -12.74 -46.27
C SER C 646 -9.20 -13.84 -45.91
N ILE C 647 -9.93 -13.68 -44.82
CA ILE C 647 -10.90 -14.69 -44.43
C ILE C 647 -11.90 -14.85 -45.58
N TRP C 648 -12.47 -13.74 -46.02
CA TRP C 648 -13.47 -13.78 -47.09
C TRP C 648 -12.98 -14.35 -48.44
N LEU C 649 -11.70 -14.16 -48.74
CA LEU C 649 -11.15 -14.69 -49.99
C LEU C 649 -10.96 -16.20 -49.92
N SER C 650 -10.79 -16.72 -48.72
CA SER C 650 -10.60 -18.16 -48.56
C SER C 650 -11.97 -18.82 -48.58
N GLU C 651 -12.97 -18.10 -48.09
CA GLU C 651 -14.33 -18.60 -48.06
C GLU C 651 -15.01 -18.47 -49.41
N PHE C 652 -14.33 -17.84 -50.36
CA PHE C 652 -14.88 -17.61 -51.70
C PHE C 652 -15.30 -18.86 -52.47
N PRO C 653 -14.35 -19.79 -52.74
CA PRO C 653 -14.68 -21.01 -53.48
C PRO C 653 -15.98 -21.65 -53.01
N ASP C 654 -15.94 -22.29 -51.85
CA ASP C 654 -17.12 -22.95 -51.31
C ASP C 654 -18.39 -22.14 -51.54
N LEU C 655 -18.27 -20.82 -51.49
CA LEU C 655 -19.41 -19.95 -51.69
C LEU C 655 -19.90 -19.98 -53.13
N GLU C 656 -18.97 -20.02 -54.08
CA GLU C 656 -19.35 -20.08 -55.50
C GLU C 656 -19.90 -21.46 -55.84
N ASP C 657 -19.55 -22.45 -55.03
CA ASP C 657 -20.02 -23.82 -55.24
C ASP C 657 -21.45 -23.97 -54.80
N LYS C 658 -21.79 -23.41 -53.65
CA LYS C 658 -23.15 -23.51 -53.16
C LYS C 658 -24.08 -22.80 -54.12
N LEU C 659 -23.51 -21.89 -54.92
CA LEU C 659 -24.31 -21.14 -55.89
C LEU C 659 -24.49 -21.95 -57.18
N LYS C 660 -23.43 -22.66 -57.56
CA LYS C 660 -23.45 -23.48 -58.76
C LYS C 660 -24.40 -24.68 -58.64
N LYS C 661 -24.64 -25.13 -57.42
CA LYS C 661 -25.53 -26.25 -57.18
C LYS C 661 -26.95 -25.73 -57.16
N ASP C 662 -27.08 -24.40 -57.07
CA ASP C 662 -28.40 -23.79 -57.04
C ASP C 662 -29.00 -23.49 -58.41
N ASN C 663 -28.75 -24.38 -59.37
CA ASN C 663 -29.29 -24.24 -60.72
C ASN C 663 -28.86 -22.96 -61.39
N LYS C 664 -27.56 -22.84 -61.58
CA LYS C 664 -27.00 -21.67 -62.22
C LYS C 664 -25.86 -22.13 -63.10
N THR C 665 -25.71 -21.51 -64.26
CA THR C 665 -24.64 -21.87 -65.18
C THR C 665 -23.31 -21.45 -64.59
N ILE C 666 -22.22 -22.05 -65.07
CA ILE C 666 -20.89 -21.73 -64.57
C ILE C 666 -20.72 -20.21 -64.51
N TYR C 667 -21.36 -19.52 -65.44
CA TYR C 667 -21.25 -18.08 -65.48
C TYR C 667 -22.15 -17.39 -64.44
N GLU C 668 -23.40 -17.81 -64.35
CA GLU C 668 -24.31 -17.18 -63.38
C GLU C 668 -23.71 -17.26 -61.98
N ALA C 669 -23.16 -18.42 -61.66
CA ALA C 669 -22.54 -18.63 -60.37
C ALA C 669 -21.36 -17.68 -60.18
N HIS C 670 -20.38 -17.78 -61.07
CA HIS C 670 -19.19 -16.94 -61.02
C HIS C 670 -19.56 -15.47 -60.98
N SER C 671 -20.54 -15.11 -61.79
CA SER C 671 -21.01 -13.73 -61.85
C SER C 671 -21.61 -13.32 -60.50
N GLU C 672 -22.65 -14.02 -60.09
CA GLU C 672 -23.32 -13.73 -58.82
C GLU C 672 -22.34 -13.67 -57.65
N CYS C 673 -21.45 -14.66 -57.57
CA CYS C 673 -20.48 -14.73 -56.48
C CYS C 673 -19.61 -13.49 -56.37
N LEU C 674 -18.82 -13.20 -57.40
CA LEU C 674 -17.94 -12.03 -57.39
C LEU C 674 -18.67 -10.72 -57.08
N THR C 675 -19.96 -10.66 -57.39
CA THR C 675 -20.75 -9.46 -57.14
C THR C 675 -21.04 -9.35 -55.63
N GLU C 676 -21.54 -10.44 -55.05
CA GLU C 676 -21.87 -10.50 -53.63
C GLU C 676 -20.64 -10.16 -52.80
N PHE C 677 -19.50 -10.73 -53.18
CA PHE C 677 -18.24 -10.49 -52.47
C PHE C 677 -17.83 -9.02 -52.57
N ILE C 678 -17.96 -8.45 -53.77
CA ILE C 678 -17.59 -7.06 -53.99
C ILE C 678 -18.52 -6.09 -53.26
N GLU C 679 -19.80 -6.39 -53.22
CA GLU C 679 -20.73 -5.50 -52.54
C GLU C 679 -20.58 -5.68 -51.02
N ARG C 680 -20.26 -6.91 -50.61
CA ARG C 680 -20.09 -7.20 -49.19
C ARG C 680 -18.80 -6.56 -48.68
N PHE C 681 -17.77 -6.54 -49.52
CA PHE C 681 -16.48 -5.95 -49.17
C PHE C 681 -16.52 -4.43 -49.18
N THR C 682 -17.27 -3.87 -50.12
CA THR C 682 -17.39 -2.43 -50.26
C THR C 682 -18.10 -1.81 -49.07
N VAL C 683 -19.24 -2.38 -48.70
CA VAL C 683 -20.03 -1.89 -47.58
C VAL C 683 -19.26 -2.06 -46.28
N PHE C 684 -18.48 -3.13 -46.16
CA PHE C 684 -17.70 -3.36 -44.94
C PHE C 684 -16.53 -2.39 -44.85
N SER C 685 -15.82 -2.18 -45.96
CA SER C 685 -14.70 -1.27 -45.96
C SER C 685 -15.16 0.18 -45.73
N ASN C 686 -16.47 0.37 -45.75
CA ASN C 686 -17.08 1.69 -45.56
C ASN C 686 -17.39 2.05 -44.09
N PHE C 687 -17.10 1.14 -43.18
CA PHE C 687 -17.36 1.40 -41.76
C PHE C 687 -16.12 1.24 -40.90
N ILE C 688 -15.15 0.52 -41.42
CA ILE C 688 -13.91 0.27 -40.68
C ILE C 688 -12.89 1.35 -40.99
N ASN C 689 -11.72 1.25 -40.35
CA ASN C 689 -10.63 2.21 -40.53
C ASN C 689 -9.51 1.62 -41.42
N GLY C 690 -9.84 1.32 -42.68
CA GLY C 690 -8.84 0.74 -43.57
C GLY C 690 -8.39 1.65 -44.70
N ILE C 694 -5.10 -0.98 -51.38
CA ILE C 694 -5.09 -2.44 -51.52
C ILE C 694 -3.67 -2.97 -51.71
N ASN C 695 -3.31 -4.03 -50.98
CA ASN C 695 -1.99 -4.63 -51.09
C ASN C 695 -2.06 -6.17 -51.15
N ASN C 696 -3.28 -6.70 -51.18
CA ASN C 696 -3.52 -8.14 -51.25
C ASN C 696 -3.68 -8.55 -52.71
N GLU C 697 -2.76 -9.35 -53.23
CA GLU C 697 -2.80 -9.79 -54.62
C GLU C 697 -4.14 -10.32 -55.11
N GLN C 698 -4.58 -11.46 -54.58
CA GLN C 698 -5.84 -12.06 -54.98
C GLN C 698 -7.01 -11.07 -54.98
N LEU C 699 -7.05 -10.20 -53.98
CA LEU C 699 -8.11 -9.21 -53.87
C LEU C 699 -8.05 -8.32 -55.11
N ILE C 700 -6.85 -7.83 -55.41
CA ILE C 700 -6.63 -6.99 -56.58
C ILE C 700 -7.11 -7.79 -57.78
N ALA C 701 -6.53 -8.98 -57.94
CA ALA C 701 -6.87 -9.87 -59.05
C ALA C 701 -8.37 -9.96 -59.24
N LYS C 702 -9.09 -10.18 -58.16
CA LYS C 702 -10.53 -10.30 -58.27
C LYS C 702 -11.18 -8.95 -58.44
N PHE C 703 -10.47 -7.88 -58.11
CA PHE C 703 -11.03 -6.54 -58.27
C PHE C 703 -11.10 -6.30 -59.77
N LEU C 704 -9.98 -6.54 -60.43
CA LEU C 704 -9.90 -6.38 -61.88
C LEU C 704 -11.04 -7.14 -62.54
N GLU C 705 -11.30 -8.36 -62.06
CA GLU C 705 -12.36 -9.19 -62.61
C GLU C 705 -13.73 -8.52 -62.64
N PHE C 706 -14.10 -7.89 -61.53
CA PHE C 706 -15.40 -7.22 -61.43
C PHE C 706 -15.45 -6.02 -62.39
N ILE C 707 -14.28 -5.46 -62.70
CA ILE C 707 -14.19 -4.32 -63.60
C ILE C 707 -14.79 -4.70 -64.95
N ASN C 708 -14.25 -5.77 -65.53
CA ASN C 708 -14.67 -6.26 -66.83
C ASN C 708 -16.16 -6.57 -66.87
N LEU C 709 -16.66 -7.27 -65.86
CA LEU C 709 -18.08 -7.59 -65.84
C LEU C 709 -18.87 -6.29 -65.85
N THR C 710 -18.30 -5.26 -65.23
CA THR C 710 -18.98 -3.97 -65.16
C THR C 710 -18.92 -3.22 -66.46
N THR C 711 -17.75 -3.21 -67.10
CA THR C 711 -17.63 -2.51 -68.36
C THR C 711 -18.58 -3.16 -69.37
N SER C 712 -18.65 -4.49 -69.34
CA SER C 712 -19.52 -5.22 -70.23
C SER C 712 -20.98 -4.83 -70.03
N THR C 713 -21.29 -4.18 -68.92
CA THR C 713 -22.67 -3.77 -68.67
C THR C 713 -22.88 -2.37 -69.24
N GLY C 714 -21.77 -1.75 -69.67
CA GLY C 714 -21.84 -0.41 -70.23
C GLY C 714 -21.70 0.66 -69.17
N ASN C 715 -21.73 0.23 -67.91
CA ASN C 715 -21.62 1.17 -66.79
C ASN C 715 -20.16 1.50 -66.56
N PHE C 716 -19.58 2.29 -67.46
CA PHE C 716 -18.18 2.68 -67.34
C PHE C 716 -17.91 3.51 -66.10
N GLU C 717 -18.95 4.16 -65.57
CA GLU C 717 -18.76 5.01 -64.40
C GLU C 717 -18.44 4.20 -63.14
N LEU C 718 -19.21 3.16 -62.90
CA LEU C 718 -19.00 2.31 -61.73
C LEU C 718 -17.69 1.56 -61.87
N ALA C 719 -17.28 1.33 -63.12
CA ALA C 719 -16.04 0.63 -63.40
C ALA C 719 -14.84 1.48 -63.06
N THR C 720 -14.93 2.77 -63.36
CA THR C 720 -13.83 3.69 -63.07
C THR C 720 -13.67 3.81 -61.57
N GLU C 721 -14.79 3.93 -60.87
CA GLU C 721 -14.76 4.07 -59.42
C GLU C 721 -13.85 3.00 -58.81
N PHE C 722 -14.06 1.74 -59.17
CA PHE C 722 -13.24 0.65 -58.65
C PHE C 722 -11.83 0.72 -59.23
N LEU C 723 -11.71 1.29 -60.43
CA LEU C 723 -10.42 1.41 -61.05
C LEU C 723 -9.55 2.32 -60.18
N ASN C 724 -10.16 3.41 -59.71
CA ASN C 724 -9.45 4.38 -58.87
C ASN C 724 -8.88 3.77 -57.60
N SER C 725 -9.74 3.04 -56.88
CA SER C 725 -9.36 2.41 -55.63
C SER C 725 -8.20 1.41 -55.73
N LEU C 726 -7.88 0.98 -56.94
CA LEU C 726 -6.77 0.05 -57.12
C LEU C 726 -5.46 0.81 -57.22
N PRO C 727 -4.36 0.19 -56.78
CA PRO C 727 -3.06 0.87 -56.84
C PRO C 727 -2.67 1.19 -58.28
N SER C 728 -2.53 2.48 -58.58
CA SER C 728 -2.14 2.92 -59.91
C SER C 728 -0.70 2.51 -60.18
N ASP C 729 -0.27 1.46 -59.48
CA ASP C 729 1.08 0.94 -59.61
C ASP C 729 1.01 -0.34 -60.44
N ASN C 730 -0.19 -0.93 -60.53
CA ASN C 730 -0.39 -2.15 -61.29
C ASN C 730 -0.72 -1.84 -62.74
N GLU C 731 0.07 -2.41 -63.65
CA GLU C 731 -0.11 -2.21 -65.09
C GLU C 731 -1.48 -2.62 -65.61
N GLU C 732 -1.96 -3.80 -65.23
CA GLU C 732 -3.28 -4.23 -65.68
C GLU C 732 -4.24 -3.13 -65.27
N VAL C 733 -4.01 -2.58 -64.08
CA VAL C 733 -4.82 -1.50 -63.53
C VAL C 733 -4.60 -0.28 -64.41
N LYS C 734 -3.36 -0.12 -64.85
CA LYS C 734 -2.97 0.99 -65.72
C LYS C 734 -3.73 0.91 -67.04
N THR C 735 -3.49 -0.18 -67.77
CA THR C 735 -4.11 -0.41 -69.07
C THR C 735 -5.63 -0.21 -69.05
N GLU C 736 -6.31 -0.91 -68.16
CA GLU C 736 -7.77 -0.79 -68.05
C GLU C 736 -8.22 0.62 -67.73
N LYS C 737 -7.39 1.34 -66.98
CA LYS C 737 -7.68 2.72 -66.60
C LYS C 737 -7.75 3.54 -67.89
N ALA C 738 -6.79 3.31 -68.77
CA ALA C 738 -6.70 3.99 -70.05
C ALA C 738 -7.84 3.57 -70.97
N ARG C 739 -8.04 2.27 -71.11
CA ARG C 739 -9.09 1.75 -71.97
C ARG C 739 -10.47 2.28 -71.58
N VAL C 740 -10.81 2.17 -70.30
CA VAL C 740 -12.11 2.64 -69.84
C VAL C 740 -12.28 4.12 -70.19
N LEU C 741 -11.20 4.86 -70.09
CA LEU C 741 -11.21 6.29 -70.39
C LEU C 741 -11.70 6.52 -71.82
N ILE C 742 -10.89 6.11 -72.80
CA ILE C 742 -11.25 6.29 -74.20
C ILE C 742 -12.66 5.73 -74.49
N ALA C 743 -12.93 4.52 -74.02
CA ALA C 743 -14.23 3.89 -74.24
C ALA C 743 -15.40 4.76 -73.84
N SER C 744 -15.24 5.49 -72.74
CA SER C 744 -16.29 6.36 -72.24
C SER C 744 -16.16 7.79 -72.77
N GLY C 745 -14.94 8.32 -72.71
CA GLY C 745 -14.68 9.69 -73.14
C GLY C 745 -14.96 10.04 -74.59
N VAL D 2 -28.47 3.68 -82.52
CA VAL D 2 -27.45 4.49 -83.28
C VAL D 2 -27.29 3.91 -84.68
N VAL D 3 -27.57 4.71 -85.71
CA VAL D 3 -27.45 4.22 -87.07
C VAL D 3 -26.71 5.20 -87.97
N ILE D 4 -25.84 4.66 -88.81
CA ILE D 4 -25.07 5.45 -89.76
C ILE D 4 -25.45 4.96 -91.16
N ALA D 5 -26.62 5.39 -91.62
CA ALA D 5 -27.12 4.99 -92.94
C ALA D 5 -26.27 5.54 -94.09
N ASN D 6 -26.17 4.75 -95.16
CA ASN D 6 -25.39 5.13 -96.33
C ASN D 6 -23.93 5.47 -96.04
N ALA D 7 -23.19 4.51 -95.49
CA ALA D 7 -21.78 4.70 -95.18
C ALA D 7 -21.01 4.42 -96.47
N HIS D 8 -21.66 3.67 -97.36
CA HIS D 8 -21.13 3.29 -98.68
C HIS D 8 -22.31 3.18 -99.66
N ASN D 9 -22.02 3.26 -100.95
CA ASN D 9 -23.07 3.15 -101.97
C ASN D 9 -23.14 1.73 -102.53
N GLU D 10 -22.04 1.00 -102.42
CA GLU D 10 -21.94 -0.39 -102.87
C GLU D 10 -22.23 -1.20 -101.59
N LEU D 11 -22.62 -2.47 -101.73
CA LEU D 11 -22.91 -3.29 -100.55
C LEU D 11 -21.70 -3.44 -99.61
N ILE D 12 -21.96 -3.31 -98.31
CA ILE D 12 -20.93 -3.41 -97.26
C ILE D 12 -20.78 -4.84 -96.74
N HIS D 13 -19.54 -5.27 -96.55
CA HIS D 13 -19.27 -6.64 -96.07
C HIS D 13 -18.68 -6.76 -94.68
N ASP D 14 -18.27 -5.66 -94.08
CA ASP D 14 -17.67 -5.72 -92.76
C ASP D 14 -17.68 -4.36 -92.05
N ALA D 15 -17.93 -4.40 -90.74
CA ALA D 15 -17.98 -3.20 -89.89
C ALA D 15 -17.47 -3.63 -88.51
N VAL D 16 -16.29 -3.15 -88.12
CA VAL D 16 -15.70 -3.54 -86.86
C VAL D 16 -15.27 -2.34 -86.01
N LEU D 17 -15.62 -2.37 -84.71
CA LEU D 17 -15.23 -1.33 -83.76
C LEU D 17 -13.90 -1.73 -83.14
N ASP D 18 -13.06 -0.76 -82.77
CA ASP D 18 -11.75 -1.07 -82.21
C ASP D 18 -11.73 -1.38 -80.71
N TYR D 19 -10.52 -1.57 -80.18
CA TYR D 19 -10.31 -1.90 -78.77
C TYR D 19 -11.15 -1.10 -77.78
N TYR D 20 -11.56 0.10 -78.14
CA TYR D 20 -12.34 0.90 -77.22
C TYR D 20 -13.82 0.90 -77.59
N GLY D 21 -14.13 0.24 -78.70
CA GLY D 21 -15.50 0.15 -79.16
C GLY D 21 -16.08 1.53 -79.40
N LYS D 22 -15.27 2.40 -79.98
CA LYS D 22 -15.70 3.77 -80.25
C LYS D 22 -15.35 4.17 -81.69
N ARG D 23 -14.30 3.56 -82.22
CA ARG D 23 -13.83 3.84 -83.58
C ARG D 23 -14.29 2.80 -84.60
N LEU D 24 -15.28 3.15 -85.41
CA LEU D 24 -15.82 2.23 -86.41
C LEU D 24 -14.98 2.11 -87.67
N ALA D 25 -15.25 1.09 -88.47
CA ALA D 25 -14.51 0.87 -89.72
C ALA D 25 -15.32 -0.08 -90.60
N THR D 26 -15.51 0.30 -91.86
CA THR D 26 -16.27 -0.50 -92.79
C THR D 26 -15.51 -0.82 -94.06
N CYS D 27 -16.05 -1.75 -94.85
CA CYS D 27 -15.46 -2.16 -96.12
C CYS D 27 -16.56 -2.75 -96.99
N SER D 28 -16.43 -2.57 -98.31
CA SER D 28 -17.42 -3.11 -99.24
C SER D 28 -16.88 -3.24 -100.66
N SER D 29 -17.77 -3.51 -101.61
CA SER D 29 -17.38 -3.70 -103.00
C SER D 29 -16.68 -2.50 -103.65
N ASP D 30 -17.02 -1.29 -103.18
CA ASP D 30 -16.40 -0.08 -103.74
C ASP D 30 -14.89 -0.16 -103.61
N LYS D 31 -14.40 -1.22 -103.00
CA LYS D 31 -12.97 -1.43 -102.85
C LYS D 31 -12.31 -0.44 -101.89
N THR D 32 -13.10 0.08 -100.97
CA THR D 32 -12.60 1.05 -100.00
C THR D 32 -13.03 0.76 -98.56
N ILE D 33 -12.30 1.33 -97.62
CA ILE D 33 -12.57 1.18 -96.19
C ILE D 33 -12.90 2.59 -95.67
N LYS D 34 -13.76 2.69 -94.66
CA LYS D 34 -14.10 4.00 -94.09
C LYS D 34 -14.02 4.01 -92.56
N ILE D 35 -13.35 5.02 -92.02
CA ILE D 35 -13.18 5.16 -90.57
C ILE D 35 -14.24 6.12 -90.04
N PHE D 36 -14.93 5.72 -88.97
CA PHE D 36 -15.97 6.54 -88.37
C PHE D 36 -15.72 6.76 -86.88
N GLU D 37 -16.42 7.75 -86.32
CA GLU D 37 -16.33 8.08 -84.90
C GLU D 37 -17.75 8.24 -84.40
N VAL D 38 -18.26 7.21 -83.72
CA VAL D 38 -19.63 7.26 -83.21
C VAL D 38 -19.63 7.63 -81.73
N GLU D 39 -20.66 8.38 -81.32
CA GLU D 39 -20.80 8.79 -79.93
C GLU D 39 -22.16 8.32 -79.41
N GLY D 40 -23.05 9.26 -79.16
CA GLY D 40 -24.39 8.90 -78.72
C GLY D 40 -25.10 8.37 -79.93
N GLU D 41 -25.78 9.25 -80.66
CA GLU D 41 -26.49 8.87 -81.87
C GLU D 41 -26.09 9.80 -83.00
N THR D 42 -24.78 10.00 -83.09
CA THR D 42 -24.18 10.86 -84.11
C THR D 42 -23.04 10.08 -84.74
N HIS D 43 -22.38 10.67 -85.73
CA HIS D 43 -21.24 10.03 -86.38
C HIS D 43 -20.54 10.99 -87.33
N LYS D 44 -19.25 10.78 -87.53
CA LYS D 44 -18.48 11.62 -88.42
C LYS D 44 -17.47 10.80 -89.18
N LEU D 45 -17.53 10.85 -90.50
CA LEU D 45 -16.58 10.11 -91.32
C LEU D 45 -15.22 10.70 -90.96
N ILE D 46 -14.17 9.91 -91.10
CA ILE D 46 -12.84 10.38 -90.73
C ILE D 46 -11.85 10.15 -91.85
N ASP D 47 -12.21 9.29 -92.80
CA ASP D 47 -11.31 8.97 -93.92
C ASP D 47 -11.87 7.83 -94.79
N THR D 48 -11.21 7.59 -95.92
CA THR D 48 -11.58 6.54 -96.84
C THR D 48 -10.31 5.90 -97.36
N LEU D 49 -10.07 4.66 -96.94
CA LEU D 49 -8.88 3.89 -97.31
C LEU D 49 -8.97 3.38 -98.74
N THR D 50 -7.92 3.64 -99.52
CA THR D 50 -7.90 3.23 -100.92
C THR D 50 -6.69 2.41 -101.30
N GLY D 51 -6.89 1.43 -102.18
CA GLY D 51 -5.80 0.58 -102.62
C GLY D 51 -6.21 -0.77 -103.19
N HIS D 52 -7.16 -1.44 -102.54
CA HIS D 52 -7.62 -2.75 -102.99
C HIS D 52 -8.26 -2.73 -104.38
N GLU D 53 -7.79 -3.65 -105.22
CA GLU D 53 -8.23 -3.76 -106.59
C GLU D 53 -9.53 -4.56 -106.76
N GLY D 54 -10.14 -4.94 -105.64
CA GLY D 54 -11.36 -5.71 -105.71
C GLY D 54 -12.17 -5.49 -104.47
N PRO D 55 -13.42 -5.98 -104.43
CA PRO D 55 -14.25 -5.78 -103.24
C PRO D 55 -13.52 -6.22 -101.97
N VAL D 56 -13.59 -5.42 -100.91
CA VAL D 56 -12.94 -5.75 -99.64
C VAL D 56 -13.88 -6.57 -98.78
N TRP D 57 -13.40 -7.75 -98.37
CA TRP D 57 -14.18 -8.70 -97.57
C TRP D 57 -14.17 -8.49 -96.05
N ARG D 58 -13.02 -8.23 -95.47
CA ARG D 58 -12.97 -8.07 -94.03
C ARG D 58 -11.90 -7.13 -93.49
N VAL D 59 -12.08 -6.78 -92.22
CA VAL D 59 -11.13 -5.90 -91.52
C VAL D 59 -11.00 -6.30 -90.06
N ASP D 60 -9.83 -6.07 -89.49
CA ASP D 60 -9.58 -6.39 -88.10
C ASP D 60 -8.66 -5.35 -87.45
N TRP D 61 -9.14 -4.76 -86.36
CA TRP D 61 -8.37 -3.77 -85.62
C TRP D 61 -7.34 -4.48 -84.77
N ALA D 62 -6.15 -3.89 -84.68
CA ALA D 62 -5.10 -4.49 -83.88
C ALA D 62 -5.13 -3.96 -82.44
N HIS D 63 -4.37 -4.60 -81.57
CA HIS D 63 -4.29 -4.18 -80.17
C HIS D 63 -3.59 -2.83 -80.11
N PRO D 64 -4.15 -1.91 -79.33
CA PRO D 64 -3.56 -0.57 -79.18
C PRO D 64 -2.07 -0.52 -78.85
N LYS D 65 -1.55 -1.55 -78.20
CA LYS D 65 -0.13 -1.55 -77.83
C LYS D 65 0.85 -1.59 -79.00
N PHE D 66 0.32 -1.60 -80.23
CA PHE D 66 1.18 -1.62 -81.41
C PHE D 66 1.03 -0.31 -82.18
N GLY D 67 -0.07 0.38 -81.90
CA GLY D 67 -0.35 1.63 -82.57
C GLY D 67 -1.79 1.59 -83.00
N THR D 68 -2.19 2.46 -83.93
CA THR D 68 -3.56 2.44 -84.42
C THR D 68 -3.54 1.82 -85.82
N ILE D 69 -3.71 0.50 -85.87
CA ILE D 69 -3.69 -0.23 -87.13
C ILE D 69 -5.01 -0.94 -87.44
N LEU D 70 -5.20 -1.21 -88.73
CA LEU D 70 -6.37 -1.90 -89.24
C LEU D 70 -5.86 -2.80 -90.34
N ALA D 71 -6.39 -4.00 -90.43
CA ALA D 71 -5.97 -4.92 -91.47
C ALA D 71 -7.18 -5.21 -92.32
N SER D 72 -6.96 -5.47 -93.60
CA SER D 72 -8.04 -5.78 -94.50
C SER D 72 -7.55 -6.79 -95.54
N CYS D 73 -8.51 -7.46 -96.18
CA CYS D 73 -8.23 -8.48 -97.19
C CYS D 73 -9.32 -8.35 -98.24
N SER D 74 -9.03 -8.76 -99.47
CA SER D 74 -10.03 -8.66 -100.52
C SER D 74 -9.95 -9.70 -101.63
N TYR D 75 -11.05 -9.77 -102.39
CA TYR D 75 -11.17 -10.68 -103.52
C TYR D 75 -9.93 -10.58 -104.40
N ASP D 76 -9.18 -9.49 -104.22
CA ASP D 76 -7.97 -9.24 -105.00
C ASP D 76 -6.81 -10.10 -104.54
N GLY D 77 -7.05 -10.94 -103.53
CA GLY D 77 -6.02 -11.84 -103.05
C GLY D 77 -4.79 -11.24 -102.37
N LYS D 78 -5.01 -10.17 -101.61
CA LYS D 78 -3.92 -9.51 -100.91
C LYS D 78 -4.43 -8.98 -99.58
N VAL D 79 -3.51 -8.60 -98.71
CA VAL D 79 -3.89 -8.05 -97.41
C VAL D 79 -3.11 -6.76 -97.19
N LEU D 80 -3.82 -5.72 -96.78
CA LEU D 80 -3.23 -4.41 -96.53
C LEU D 80 -3.41 -3.99 -95.10
N ILE D 81 -2.31 -3.54 -94.49
CA ILE D 81 -2.32 -3.06 -93.12
C ILE D 81 -2.43 -1.54 -93.27
N TRP D 82 -3.00 -0.88 -92.28
CA TRP D 82 -3.14 0.57 -92.36
C TRP D 82 -2.80 1.21 -91.01
N LYS D 83 -2.28 2.44 -91.06
CA LYS D 83 -1.89 3.15 -89.85
C LYS D 83 -2.42 4.58 -89.79
N GLU D 84 -2.60 5.10 -88.58
CA GLU D 84 -3.10 6.47 -88.37
C GLU D 84 -2.08 7.20 -87.50
N GLU D 85 -0.94 7.53 -88.11
CA GLU D 85 0.13 8.22 -87.40
C GLU D 85 0.08 9.72 -87.65
N ASN D 86 0.07 10.50 -86.57
CA ASN D 86 0.04 11.96 -86.65
C ASN D 86 -1.30 12.53 -87.10
N GLY D 87 -2.28 11.66 -87.31
CA GLY D 87 -3.59 12.13 -87.72
C GLY D 87 -4.01 11.76 -89.13
N ARG D 88 -3.28 10.85 -89.76
CA ARG D 88 -3.61 10.43 -91.12
C ARG D 88 -3.22 8.97 -91.45
N TRP D 89 -4.16 8.26 -92.08
CA TRP D 89 -4.00 6.86 -92.46
C TRP D 89 -3.14 6.60 -93.70
N SER D 90 -2.25 5.62 -93.62
CA SER D 90 -1.38 5.28 -94.75
C SER D 90 -0.96 3.80 -94.81
N GLN D 91 -1.03 3.21 -96.01
CA GLN D 91 -0.66 1.82 -96.20
C GLN D 91 0.80 1.55 -95.85
N ILE D 92 1.02 0.97 -94.68
CA ILE D 92 2.37 0.67 -94.25
C ILE D 92 2.95 -0.57 -94.93
N ALA D 93 2.25 -1.70 -94.85
CA ALA D 93 2.71 -2.95 -95.46
C ALA D 93 1.67 -3.59 -96.36
N VAL D 94 2.08 -4.64 -97.05
CA VAL D 94 1.18 -5.36 -97.94
C VAL D 94 1.56 -6.85 -97.94
N HIS D 95 0.57 -7.71 -97.71
CA HIS D 95 0.80 -9.15 -97.70
C HIS D 95 -0.01 -9.82 -98.80
N ALA D 96 0.70 -10.49 -99.70
CA ALA D 96 0.07 -11.16 -100.82
C ALA D 96 0.86 -12.39 -101.26
N VAL D 97 0.52 -13.53 -100.68
CA VAL D 97 1.19 -14.77 -101.03
C VAL D 97 0.19 -15.80 -101.54
N HIS D 98 -1.09 -15.44 -101.52
CA HIS D 98 -2.15 -16.33 -101.98
C HIS D 98 -2.56 -16.09 -103.43
N SER D 99 -3.06 -17.12 -104.10
CA SER D 99 -3.46 -16.97 -105.48
C SER D 99 -4.97 -16.89 -105.71
N ALA D 100 -5.71 -16.47 -104.69
CA ALA D 100 -7.17 -16.34 -104.81
C ALA D 100 -7.67 -15.46 -103.69
N SER D 101 -8.93 -15.04 -103.77
CA SER D 101 -9.51 -14.18 -102.74
C SER D 101 -9.15 -14.52 -101.29
N VAL D 102 -8.73 -13.51 -100.53
CA VAL D 102 -8.42 -13.67 -99.11
C VAL D 102 -9.75 -13.35 -98.45
N ASN D 103 -10.26 -14.23 -97.59
CA ASN D 103 -11.56 -13.96 -97.03
C ASN D 103 -11.61 -13.57 -95.59
N SER D 104 -10.48 -13.76 -94.90
CA SER D 104 -10.47 -13.39 -93.50
C SER D 104 -9.08 -13.03 -93.09
N VAL D 105 -9.02 -12.20 -92.07
CA VAL D 105 -7.76 -11.76 -91.57
C VAL D 105 -8.05 -11.49 -90.09
N GLN D 106 -7.06 -11.76 -89.24
CA GLN D 106 -7.28 -11.52 -87.84
C GLN D 106 -5.98 -11.42 -87.03
N TRP D 107 -5.94 -10.40 -86.19
CA TRP D 107 -4.77 -10.13 -85.35
C TRP D 107 -4.78 -11.11 -84.19
N ALA D 108 -3.63 -11.74 -83.99
CA ALA D 108 -3.46 -12.69 -82.91
C ALA D 108 -3.65 -11.96 -81.58
N PRO D 109 -3.49 -12.67 -80.46
CA PRO D 109 -3.64 -12.03 -79.15
C PRO D 109 -2.43 -11.13 -78.97
N HIS D 110 -2.59 -9.94 -78.37
CA HIS D 110 -1.43 -9.05 -78.22
C HIS D 110 -0.19 -9.67 -77.56
N GLU D 111 -0.35 -10.81 -76.89
CA GLU D 111 0.78 -11.46 -76.24
C GLU D 111 1.74 -12.05 -77.28
N TYR D 112 1.21 -12.52 -78.39
CA TYR D 112 2.02 -13.13 -79.44
C TYR D 112 2.80 -12.09 -80.21
N GLY D 113 2.38 -10.83 -80.07
CA GLY D 113 3.01 -9.75 -80.79
C GLY D 113 2.06 -9.32 -81.89
N PRO D 114 2.55 -8.62 -82.93
CA PRO D 114 1.66 -8.18 -84.01
C PRO D 114 1.53 -9.21 -85.16
N LEU D 115 0.98 -10.38 -84.85
CA LEU D 115 0.80 -11.44 -85.85
C LEU D 115 -0.58 -11.36 -86.52
N LEU D 116 -0.63 -11.82 -87.76
CA LEU D 116 -1.88 -11.79 -88.52
C LEU D 116 -2.26 -13.17 -89.07
N LEU D 117 -3.52 -13.56 -88.85
CA LEU D 117 -4.01 -14.87 -89.33
C LEU D 117 -4.79 -14.67 -90.63
N VAL D 118 -4.28 -15.22 -91.73
CA VAL D 118 -4.96 -15.07 -93.01
C VAL D 118 -5.38 -16.37 -93.69
N ALA D 119 -6.62 -16.38 -94.22
CA ALA D 119 -7.23 -17.53 -94.90
C ALA D 119 -7.73 -17.21 -96.31
N SER D 120 -7.41 -18.05 -97.29
CA SER D 120 -7.82 -17.81 -98.66
C SER D 120 -8.46 -18.96 -99.48
N SER D 121 -9.27 -18.54 -100.45
CA SER D 121 -9.95 -19.44 -101.37
C SER D 121 -8.96 -20.30 -102.11
N ASP D 122 -7.66 -20.05 -101.93
CA ASP D 122 -6.69 -20.86 -102.63
C ASP D 122 -6.38 -22.10 -101.79
N GLY D 123 -7.07 -22.19 -100.66
CA GLY D 123 -6.93 -23.33 -99.78
C GLY D 123 -5.85 -23.24 -98.72
N LYS D 124 -5.07 -22.16 -98.75
CA LYS D 124 -4.00 -22.01 -97.80
C LYS D 124 -4.29 -21.02 -96.70
N VAL D 125 -3.47 -21.07 -95.66
CA VAL D 125 -3.58 -20.14 -94.56
C VAL D 125 -2.17 -19.62 -94.30
N SER D 126 -2.07 -18.32 -94.02
CA SER D 126 -0.78 -17.70 -93.78
C SER D 126 -0.74 -17.01 -92.42
N VAL D 127 0.42 -17.11 -91.78
CA VAL D 127 0.68 -16.48 -90.49
C VAL D 127 1.77 -15.45 -90.76
N VAL D 128 1.49 -14.19 -90.42
CA VAL D 128 2.46 -13.13 -90.69
C VAL D 128 2.82 -12.18 -89.56
N GLU D 129 4.12 -11.97 -89.36
CA GLU D 129 4.64 -11.04 -88.37
C GLU D 129 5.38 -9.98 -89.17
N PHE D 130 5.60 -8.82 -88.58
CA PHE D 130 6.30 -7.76 -89.26
C PHE D 130 7.66 -7.52 -88.64
N LYS D 131 8.68 -8.09 -89.29
CA LYS D 131 10.08 -8.02 -88.86
C LYS D 131 10.53 -6.72 -88.21
N GLU D 132 11.73 -6.74 -87.65
CA GLU D 132 12.30 -5.57 -86.99
C GLU D 132 12.44 -4.42 -87.98
N ASN D 133 12.69 -4.75 -89.24
CA ASN D 133 12.86 -3.77 -90.31
C ASN D 133 11.57 -3.38 -91.04
N GLY D 134 10.61 -4.29 -91.09
CA GLY D 134 9.34 -4.00 -91.76
C GLY D 134 8.80 -5.11 -92.63
N THR D 135 9.63 -5.64 -93.53
CA THR D 135 9.24 -6.71 -94.45
C THR D 135 8.55 -7.87 -93.73
N THR D 136 8.11 -8.87 -94.49
CA THR D 136 7.41 -10.02 -93.92
C THR D 136 7.88 -11.40 -94.39
N SER D 137 8.18 -12.29 -93.44
CA SER D 137 8.63 -13.67 -93.70
C SER D 137 7.65 -14.63 -93.01
N PRO D 138 6.48 -14.87 -93.64
CA PRO D 138 5.41 -15.72 -93.16
C PRO D 138 5.50 -17.26 -93.18
N ILE D 139 4.44 -17.86 -92.64
CA ILE D 139 4.25 -19.31 -92.58
C ILE D 139 3.07 -19.57 -93.50
N ILE D 140 3.23 -20.49 -94.44
CA ILE D 140 2.14 -20.81 -95.36
C ILE D 140 1.83 -22.29 -95.29
N ILE D 141 0.59 -22.62 -95.00
CA ILE D 141 0.18 -24.02 -94.92
C ILE D 141 -1.05 -24.33 -95.78
N ASP D 142 -1.07 -25.54 -96.33
CA ASP D 142 -2.20 -26.01 -97.11
C ASP D 142 -3.16 -26.55 -96.05
N ALA D 143 -4.28 -25.86 -95.85
CA ALA D 143 -5.24 -26.20 -94.81
C ALA D 143 -6.65 -26.72 -95.14
N HIS D 144 -7.05 -26.67 -96.41
CA HIS D 144 -8.40 -27.12 -96.82
C HIS D 144 -8.46 -27.32 -98.33
N ALA D 145 -9.26 -28.25 -98.79
CA ALA D 145 -9.38 -28.40 -100.23
C ALA D 145 -10.43 -27.32 -100.67
N ILE D 146 -10.59 -27.09 -101.96
CA ILE D 146 -11.57 -26.12 -102.44
C ILE D 146 -11.32 -24.65 -102.07
N GLY D 147 -11.26 -24.36 -100.77
CA GLY D 147 -11.03 -23.01 -100.29
C GLY D 147 -11.23 -22.82 -98.79
N VAL D 148 -10.51 -21.86 -98.18
CA VAL D 148 -10.63 -21.55 -96.75
C VAL D 148 -11.38 -20.23 -96.62
N ASN D 149 -12.43 -20.19 -95.81
CA ASN D 149 -13.27 -18.98 -95.66
C ASN D 149 -13.09 -18.17 -94.39
N SER D 150 -12.52 -18.81 -93.37
CA SER D 150 -12.28 -18.14 -92.11
C SER D 150 -11.14 -18.79 -91.31
N ALA D 151 -10.73 -18.11 -90.26
CA ALA D 151 -9.67 -18.56 -89.38
C ALA D 151 -9.71 -17.66 -88.15
N SER D 152 -9.65 -18.27 -86.97
CA SER D 152 -9.68 -17.54 -85.72
C SER D 152 -8.65 -18.08 -84.75
N TRP D 153 -8.09 -17.17 -83.96
CA TRP D 153 -7.08 -17.52 -82.97
C TRP D 153 -7.75 -17.95 -81.67
N ALA D 154 -7.12 -18.91 -81.00
CA ALA D 154 -7.58 -19.39 -79.71
C ALA D 154 -7.01 -18.37 -78.74
N PRO D 155 -7.61 -18.25 -77.55
CA PRO D 155 -7.08 -17.28 -76.60
C PRO D 155 -5.66 -17.74 -76.24
N ALA D 156 -4.89 -16.95 -75.52
CA ALA D 156 -3.53 -17.36 -75.16
C ALA D 156 -3.51 -18.30 -73.96
N THR D 157 -2.46 -19.12 -73.86
CA THR D 157 -2.29 -20.09 -72.76
C THR D 157 -2.63 -19.47 -71.39
N SER D 170 1.93 -23.71 -77.83
CA SER D 170 0.80 -23.38 -76.96
C SER D 170 -0.19 -22.47 -77.69
N ARG D 171 0.10 -22.20 -78.96
CA ARG D 171 -0.73 -21.34 -79.80
C ARG D 171 -1.57 -22.18 -80.76
N LYS D 172 -2.88 -21.93 -80.76
CA LYS D 172 -3.83 -22.65 -81.61
C LYS D 172 -4.80 -21.73 -82.34
N PHE D 173 -5.31 -22.19 -83.49
CA PHE D 173 -6.30 -21.44 -84.24
C PHE D 173 -7.19 -22.38 -85.06
N VAL D 174 -8.45 -21.99 -85.23
CA VAL D 174 -9.38 -22.83 -85.98
C VAL D 174 -9.69 -22.23 -87.34
N THR D 175 -9.75 -23.08 -88.35
CA THR D 175 -10.04 -22.65 -89.70
C THR D 175 -11.36 -23.32 -90.10
N GLY D 176 -11.96 -22.80 -91.17
CA GLY D 176 -13.22 -23.33 -91.67
C GLY D 176 -13.18 -23.29 -93.17
N GLY D 177 -13.09 -24.47 -93.80
CA GLY D 177 -13.04 -24.51 -95.24
C GLY D 177 -14.35 -24.78 -95.99
N ALA D 178 -14.23 -24.78 -97.30
CA ALA D 178 -15.35 -25.02 -98.20
C ALA D 178 -15.41 -26.53 -98.47
N ASP D 179 -14.65 -27.30 -97.67
CA ASP D 179 -14.63 -28.75 -97.82
C ASP D 179 -15.53 -29.28 -96.73
N ASN D 180 -16.32 -28.35 -96.18
CA ASN D 180 -17.29 -28.63 -95.12
C ASN D 180 -16.65 -28.90 -93.76
N LEU D 181 -15.33 -28.93 -93.71
CA LEU D 181 -14.64 -29.22 -92.48
C LEU D 181 -14.25 -28.01 -91.63
N VAL D 182 -14.09 -28.26 -90.33
CA VAL D 182 -13.64 -27.29 -89.34
C VAL D 182 -12.29 -27.92 -88.88
N LYS D 183 -11.26 -27.11 -88.64
CA LYS D 183 -9.95 -27.67 -88.26
C LYS D 183 -9.14 -26.90 -87.23
N ILE D 184 -8.67 -27.58 -86.19
CA ILE D 184 -7.86 -26.93 -85.15
C ILE D 184 -6.39 -27.05 -85.50
N TRP D 185 -5.63 -25.97 -85.29
CA TRP D 185 -4.21 -26.00 -85.58
C TRP D 185 -3.39 -25.58 -84.38
N LYS D 186 -2.24 -26.21 -84.22
CA LYS D 186 -1.34 -25.93 -83.11
C LYS D 186 0.08 -25.78 -83.66
N TYR D 187 0.86 -24.88 -83.09
CA TYR D 187 2.24 -24.68 -83.55
C TYR D 187 3.16 -25.76 -83.01
N ASN D 188 4.10 -26.20 -83.83
CA ASN D 188 5.04 -27.24 -83.46
C ASN D 188 6.49 -26.82 -83.74
N SER D 189 7.38 -27.12 -82.79
CA SER D 189 8.79 -26.76 -82.92
C SER D 189 9.55 -27.61 -83.93
N ASP D 190 9.48 -28.93 -83.78
CA ASP D 190 10.14 -29.87 -84.68
C ASP D 190 9.54 -29.81 -86.08
N ALA D 191 8.95 -28.68 -86.40
CA ALA D 191 8.34 -28.48 -87.72
C ALA D 191 8.39 -27.01 -88.08
N GLN D 192 8.53 -26.14 -87.07
CA GLN D 192 8.58 -24.70 -87.29
C GLN D 192 7.33 -24.28 -88.07
N THR D 193 6.22 -24.99 -87.85
CA THR D 193 4.96 -24.69 -88.53
C THR D 193 3.77 -25.13 -87.70
N TYR D 194 2.58 -24.68 -88.11
CA TYR D 194 1.35 -25.05 -87.43
C TYR D 194 0.89 -26.38 -88.01
N VAL D 195 0.74 -27.38 -87.15
CA VAL D 195 0.31 -28.71 -87.57
C VAL D 195 -1.15 -29.01 -87.21
N LEU D 196 -1.79 -29.79 -88.08
CA LEU D 196 -3.19 -30.19 -87.92
C LEU D 196 -3.41 -31.05 -86.69
N GLU D 197 -4.08 -30.50 -85.68
CA GLU D 197 -4.34 -31.22 -84.43
C GLU D 197 -5.62 -32.03 -84.47
N SER D 198 -6.67 -31.48 -85.07
CA SER D 198 -7.94 -32.18 -85.15
C SER D 198 -8.79 -31.73 -86.32
N THR D 199 -9.54 -32.68 -86.88
CA THR D 199 -10.44 -32.39 -87.97
C THR D 199 -11.81 -32.65 -87.39
N LEU D 200 -12.72 -31.69 -87.50
CA LEU D 200 -14.07 -31.85 -86.97
C LEU D 200 -15.07 -31.90 -88.11
N GLU D 201 -15.73 -33.05 -88.27
CA GLU D 201 -16.73 -33.23 -89.33
C GLU D 201 -18.11 -32.96 -88.77
N GLY D 202 -18.94 -32.27 -89.53
CA GLY D 202 -20.28 -31.97 -89.03
C GLY D 202 -21.15 -31.07 -89.88
N HIS D 203 -20.60 -30.52 -90.95
CA HIS D 203 -21.39 -29.67 -91.82
C HIS D 203 -21.51 -30.41 -93.15
N SER D 204 -22.62 -30.22 -93.86
CA SER D 204 -22.81 -30.91 -95.13
C SER D 204 -22.59 -29.93 -96.29
N ASP D 205 -22.19 -28.73 -95.94
CA ASP D 205 -21.92 -27.74 -96.95
C ASP D 205 -20.87 -26.76 -96.46
N TRP D 206 -20.32 -25.97 -97.37
CA TRP D 206 -19.29 -25.01 -97.05
C TRP D 206 -19.44 -24.40 -95.66
N VAL D 207 -18.31 -24.23 -94.97
CA VAL D 207 -18.25 -23.61 -93.65
C VAL D 207 -17.92 -22.18 -93.99
N ARG D 208 -18.74 -21.23 -93.54
CA ARG D 208 -18.52 -19.82 -93.87
C ARG D 208 -17.67 -19.05 -92.89
N ASP D 209 -17.74 -19.42 -91.62
CA ASP D 209 -16.99 -18.72 -90.59
C ASP D 209 -16.76 -19.63 -89.36
N VAL D 210 -15.74 -19.30 -88.57
CA VAL D 210 -15.42 -20.04 -87.37
C VAL D 210 -14.96 -19.04 -86.34
N ALA D 211 -15.47 -19.13 -85.13
CA ALA D 211 -15.07 -18.22 -84.07
C ALA D 211 -14.66 -18.97 -82.80
N TRP D 212 -13.47 -18.71 -82.29
CA TRP D 212 -13.01 -19.38 -81.07
C TRP D 212 -13.32 -18.44 -79.93
N SER D 213 -14.17 -18.86 -79.00
CA SER D 213 -14.52 -17.97 -77.89
C SER D 213 -13.34 -17.67 -76.99
N PRO D 214 -13.26 -16.44 -76.50
CA PRO D 214 -12.17 -15.99 -75.63
C PRO D 214 -12.44 -16.32 -74.16
N THR D 215 -13.56 -16.98 -73.91
CA THR D 215 -13.91 -17.36 -72.54
C THR D 215 -12.71 -18.03 -71.89
N VAL D 216 -12.42 -17.64 -70.65
CA VAL D 216 -11.28 -18.16 -69.91
C VAL D 216 -11.63 -19.34 -68.99
N LEU D 217 -12.74 -20.00 -69.26
CA LEU D 217 -13.15 -21.15 -68.46
C LEU D 217 -12.44 -22.40 -68.97
N LEU D 218 -12.36 -23.41 -68.10
CA LEU D 218 -11.72 -24.68 -68.42
C LEU D 218 -12.06 -25.12 -69.84
N ARG D 219 -13.37 -25.19 -70.09
CA ARG D 219 -13.91 -25.61 -71.36
C ARG D 219 -13.67 -24.57 -72.46
N SER D 220 -13.31 -25.06 -73.64
CA SER D 220 -13.07 -24.20 -74.77
C SER D 220 -14.32 -24.24 -75.66
N TYR D 221 -14.66 -23.11 -76.28
CA TYR D 221 -15.82 -23.05 -77.14
C TYR D 221 -15.49 -22.59 -78.54
N LEU D 222 -16.00 -23.33 -79.51
CA LEU D 222 -15.85 -22.99 -80.91
C LEU D 222 -17.26 -22.91 -81.48
N ALA D 223 -17.43 -22.05 -82.48
CA ALA D 223 -18.71 -21.89 -83.13
C ALA D 223 -18.42 -21.80 -84.60
N SER D 224 -18.96 -22.73 -85.38
CA SER D 224 -18.78 -22.72 -86.83
C SER D 224 -20.15 -22.49 -87.47
N VAL D 225 -20.16 -21.72 -88.56
CA VAL D 225 -21.39 -21.40 -89.27
C VAL D 225 -21.28 -21.91 -90.71
N SER D 226 -22.39 -22.41 -91.25
CA SER D 226 -22.33 -22.98 -92.60
C SER D 226 -23.45 -22.72 -93.62
N GLN D 227 -23.08 -23.01 -94.87
CA GLN D 227 -23.95 -22.88 -96.03
C GLN D 227 -25.10 -23.86 -95.87
N ASP D 228 -25.03 -24.73 -94.86
CA ASP D 228 -26.08 -25.73 -94.66
C ASP D 228 -27.19 -25.26 -93.74
N ARG D 229 -27.15 -23.99 -93.36
CA ARG D 229 -28.18 -23.41 -92.51
C ARG D 229 -28.21 -23.95 -91.07
N THR D 230 -27.03 -24.14 -90.51
CA THR D 230 -26.89 -24.64 -89.14
C THR D 230 -25.64 -24.07 -88.50
N CYS D 231 -25.69 -23.93 -87.19
CA CYS D 231 -24.55 -23.45 -86.44
C CYS D 231 -24.17 -24.61 -85.52
N ILE D 232 -22.88 -24.87 -85.35
CA ILE D 232 -22.45 -25.93 -84.44
C ILE D 232 -21.49 -25.34 -83.42
N ILE D 233 -21.73 -25.66 -82.15
CA ILE D 233 -20.85 -25.19 -81.09
C ILE D 233 -19.96 -26.37 -80.75
N TRP D 234 -18.66 -26.25 -81.01
CA TRP D 234 -17.75 -27.34 -80.66
C TRP D 234 -17.15 -27.02 -79.30
N THR D 235 -17.12 -28.02 -78.40
CA THR D 235 -16.53 -27.79 -77.07
C THR D 235 -15.55 -28.89 -76.70
N GLN D 236 -14.57 -28.52 -75.88
CA GLN D 236 -13.54 -29.43 -75.42
C GLN D 236 -13.27 -29.21 -73.93
N ASP D 237 -13.69 -30.17 -73.10
CA ASP D 237 -13.52 -30.09 -71.66
C ASP D 237 -12.10 -29.89 -71.19
N ASN D 238 -11.16 -30.58 -71.83
CA ASN D 238 -9.75 -30.46 -71.48
C ASN D 238 -8.96 -31.17 -72.54
N GLU D 239 -7.64 -31.17 -72.40
CA GLU D 239 -6.75 -31.79 -73.38
C GLU D 239 -7.06 -33.23 -73.70
N GLN D 240 -7.54 -33.99 -72.73
CA GLN D 240 -7.86 -35.40 -72.93
C GLN D 240 -9.24 -35.59 -73.58
N GLY D 241 -10.04 -34.53 -73.57
CA GLY D 241 -11.35 -34.58 -74.17
C GLY D 241 -11.31 -34.41 -75.68
N PRO D 242 -12.34 -34.88 -76.40
CA PRO D 242 -12.38 -34.75 -77.85
C PRO D 242 -13.31 -33.54 -78.12
N TRP D 243 -13.41 -33.08 -79.36
CA TRP D 243 -14.31 -31.95 -79.62
C TRP D 243 -15.73 -32.47 -79.84
N LYS D 244 -16.61 -32.17 -78.90
CA LYS D 244 -17.99 -32.63 -78.99
C LYS D 244 -18.89 -31.68 -79.79
N LYS D 245 -19.66 -32.25 -80.71
CA LYS D 245 -20.55 -31.51 -81.59
C LYS D 245 -21.90 -31.22 -80.91
N THR D 246 -22.40 -30.01 -81.06
CA THR D 246 -23.69 -29.64 -80.46
C THR D 246 -24.40 -28.59 -81.33
N LEU D 247 -25.39 -29.01 -82.12
CA LEU D 247 -26.12 -28.07 -82.97
C LEU D 247 -26.68 -26.94 -82.14
N LEU D 248 -26.64 -25.73 -82.68
CA LEU D 248 -27.15 -24.59 -81.95
C LEU D 248 -28.64 -24.79 -81.70
N LYS D 249 -29.32 -25.45 -82.62
CA LYS D 249 -30.74 -25.74 -82.46
C LYS D 249 -31.13 -26.87 -83.39
N GLU D 250 -31.99 -27.76 -82.90
CA GLU D 250 -32.42 -28.94 -83.65
C GLU D 250 -32.94 -28.68 -85.06
N GLU D 251 -33.69 -27.59 -85.26
CA GLU D 251 -34.21 -27.28 -86.59
C GLU D 251 -33.22 -26.41 -87.36
N LYS D 252 -33.12 -26.63 -88.66
CA LYS D 252 -32.22 -25.83 -89.47
C LYS D 252 -32.75 -24.41 -89.44
N PHE D 253 -31.95 -23.46 -89.90
CA PHE D 253 -32.35 -22.06 -89.92
C PHE D 253 -32.99 -21.75 -91.28
N PRO D 254 -33.63 -20.56 -91.40
CA PRO D 254 -34.26 -20.20 -92.66
C PRO D 254 -33.25 -20.02 -93.79
N ASP D 255 -32.18 -19.27 -93.55
CA ASP D 255 -31.18 -19.07 -94.58
C ASP D 255 -29.76 -19.41 -94.12
N VAL D 256 -28.80 -19.21 -95.01
CA VAL D 256 -27.38 -19.46 -94.77
C VAL D 256 -26.83 -18.63 -93.61
N LEU D 257 -26.12 -19.28 -92.68
CA LEU D 257 -25.52 -18.53 -91.59
C LEU D 257 -24.18 -18.05 -92.18
N TRP D 258 -23.85 -16.77 -91.99
CA TRP D 258 -22.61 -16.23 -92.56
C TRP D 258 -21.51 -15.87 -91.59
N ARG D 259 -21.88 -15.53 -90.36
CA ARG D 259 -20.89 -15.11 -89.38
C ARG D 259 -21.20 -15.57 -87.97
N ALA D 260 -20.15 -15.58 -87.15
CA ALA D 260 -20.29 -15.95 -85.75
C ALA D 260 -19.35 -15.05 -84.97
N SER D 261 -19.85 -14.51 -83.86
CA SER D 261 -19.04 -13.64 -83.01
C SER D 261 -19.36 -13.82 -81.55
N TRP D 262 -18.31 -13.93 -80.73
CA TRP D 262 -18.47 -14.11 -79.30
C TRP D 262 -18.25 -12.79 -78.62
N SER D 263 -19.01 -12.53 -77.55
CA SER D 263 -18.82 -11.30 -76.79
C SER D 263 -17.47 -11.46 -76.11
N LEU D 264 -17.05 -10.48 -75.33
CA LEU D 264 -15.75 -10.57 -74.67
C LEU D 264 -15.92 -11.16 -73.29
N SER D 265 -17.14 -11.12 -72.80
CA SER D 265 -17.48 -11.63 -71.49
C SER D 265 -18.87 -12.24 -71.58
N GLY D 266 -19.16 -13.20 -70.73
CA GLY D 266 -20.47 -13.83 -70.75
C GLY D 266 -20.58 -14.96 -71.75
N ASN D 267 -19.63 -15.02 -72.67
CA ASN D 267 -19.62 -16.08 -73.66
C ASN D 267 -21.03 -16.11 -74.27
N VAL D 268 -21.35 -15.04 -74.99
CA VAL D 268 -22.63 -14.91 -75.67
C VAL D 268 -22.34 -14.88 -77.15
N LEU D 269 -23.01 -15.73 -77.92
CA LEU D 269 -22.79 -15.82 -79.35
C LEU D 269 -23.76 -14.98 -80.20
N ALA D 270 -23.19 -14.25 -81.16
CA ALA D 270 -23.93 -13.40 -82.08
C ALA D 270 -23.91 -14.02 -83.48
N LEU D 271 -25.03 -14.59 -83.88
CA LEU D 271 -25.16 -15.24 -85.18
C LEU D 271 -25.79 -14.35 -86.26
N SER D 272 -25.09 -14.21 -87.38
CA SER D 272 -25.56 -13.40 -88.51
C SER D 272 -26.08 -14.25 -89.66
N GLY D 273 -27.40 -14.29 -89.82
CA GLY D 273 -28.01 -15.07 -90.88
C GLY D 273 -28.12 -14.42 -92.25
N GLY D 274 -28.66 -15.17 -93.20
CA GLY D 274 -28.81 -14.66 -94.55
C GLY D 274 -30.12 -13.92 -94.70
N ASP D 275 -31.07 -14.23 -93.81
CA ASP D 275 -32.36 -13.56 -93.82
C ASP D 275 -32.10 -12.21 -93.15
N ASN D 276 -30.86 -11.77 -93.27
CA ASN D 276 -30.37 -10.51 -92.70
C ASN D 276 -30.93 -10.29 -91.31
N LYS D 277 -30.87 -11.34 -90.50
CA LYS D 277 -31.37 -11.29 -89.13
C LYS D 277 -30.25 -11.74 -88.17
N VAL D 278 -30.17 -11.09 -87.01
CA VAL D 278 -29.15 -11.43 -86.02
C VAL D 278 -29.79 -12.02 -84.75
N THR D 279 -29.44 -13.27 -84.45
CA THR D 279 -29.95 -13.94 -83.27
C THR D 279 -28.86 -13.97 -82.20
N LEU D 280 -29.26 -13.98 -80.94
CA LEU D 280 -28.29 -14.00 -79.85
C LEU D 280 -28.49 -15.23 -78.98
N TRP D 281 -27.39 -15.87 -78.59
CA TRP D 281 -27.51 -17.08 -77.79
C TRP D 281 -26.57 -17.17 -76.57
N LYS D 282 -27.00 -17.96 -75.59
CA LYS D 282 -26.23 -18.19 -74.38
C LYS D 282 -26.43 -19.66 -74.02
N GLU D 283 -25.58 -20.17 -73.13
CA GLU D 283 -25.67 -21.56 -72.74
C GLU D 283 -26.40 -21.70 -71.41
N ASN D 284 -27.07 -22.83 -71.19
CA ASN D 284 -27.80 -23.05 -69.95
C ASN D 284 -27.34 -24.33 -69.21
N LEU D 285 -27.85 -24.51 -67.99
CA LEU D 285 -27.52 -25.67 -67.17
C LEU D 285 -27.35 -26.97 -67.94
N GLU D 286 -28.18 -27.15 -68.96
CA GLU D 286 -28.14 -28.37 -69.75
C GLU D 286 -26.96 -28.49 -70.68
N GLY D 287 -26.41 -27.37 -71.11
CA GLY D 287 -25.29 -27.44 -72.04
C GLY D 287 -25.85 -27.25 -73.44
N LYS D 288 -27.08 -26.77 -73.48
CA LYS D 288 -27.77 -26.51 -74.73
C LYS D 288 -28.02 -25.01 -74.82
N TRP D 289 -27.98 -24.48 -76.04
CA TRP D 289 -28.16 -23.06 -76.20
C TRP D 289 -29.61 -22.60 -76.28
N GLU D 290 -29.80 -21.31 -76.04
CA GLU D 290 -31.12 -20.71 -76.05
C GLU D 290 -30.92 -19.22 -76.21
N PRO D 291 -31.97 -18.49 -76.66
CA PRO D 291 -31.95 -17.04 -76.88
C PRO D 291 -31.57 -16.26 -75.64
N ALA D 292 -30.50 -15.47 -75.73
CA ALA D 292 -30.06 -14.67 -74.60
C ALA D 292 -30.74 -13.32 -74.60
#